data_6QZA
#
_entry.id   6QZA
#
_cell.length_a   184.017
_cell.length_b   184.017
_cell.length_c   87.285
_cell.angle_alpha   90.000
_cell.angle_beta   90.000
_cell.angle_gamma   120.000
#
_symmetry.space_group_name_H-M   'P 32 2 1'
#
loop_
_entity.id
_entity.type
_entity.pdbx_description
1 polymer 'HLA class II histocompatibility antigen, DR alpha chain'
2 polymer 'HLA class II histocompatibility antigen, DRB1-1 beta chain'
3 polymer PB1-410-422-GMF-Peptide
#
loop_
_entity_poly.entity_id
_entity_poly.type
_entity_poly.pdbx_seq_one_letter_code
_entity_poly.pdbx_strand_id
1 'polypeptide(L)'
;MIKEEHVIIQAEFYLNPDQSGEFMFDFDGDEIFHVDMAKKETVWRLEEFGRFASFEAQGALANIAVDKANLEIMTKRSNY
TPITNVPPEVTVLTNSPVELREPNVLICFIDKFTPPVVNVTWLRNGKPVTTGVSETVFLPREDHLFRKFHYLPFLPSTED
VYDCRVEHWGLDEPLLKHWEFDA
;
AAA,DDD
2 'polypeptide(L)'
;MGDTRPRFLWQLKFECHFFNGTERVRLLERCIYNQEESVRFDSDVGEYRAVTELGRPDAEYWNSQKDLLEQRRAAVDTYC
RHNYGVGESFTVQRRVEPKVTVYPSKTQPLQHHNLLVCSVSGFYPGSIEVRWFRNGQEEKAGVVSTGLIQNGDWTFQTLV
MLETVPRSGEVYTCQVEHPSVTSPLTVEWRA
;
BBB,EEE
3 'polypeptide(L)' PGMMMGMFNMLSTVLGVSIL CCC,FFF
#
# COMPACT_ATOMS: atom_id res chain seq x y z
N GLU A 4 -11.24 0.82 0.23
CA GLU A 4 -12.08 0.99 -1.01
C GLU A 4 -12.57 -0.36 -1.52
N GLU A 5 -13.66 -0.34 -2.29
CA GLU A 5 -14.15 -1.51 -3.00
C GLU A 5 -13.24 -1.83 -4.20
N HIS A 6 -13.01 -0.92 -5.15
CA HIS A 6 -12.33 -1.33 -6.38
C HIS A 6 -11.41 -0.25 -6.90
N VAL A 7 -10.46 -0.68 -7.75
CA VAL A 7 -9.53 0.22 -8.41
C VAL A 7 -9.43 -0.14 -9.90
N ILE A 8 -9.32 0.89 -10.76
CA ILE A 8 -9.14 0.68 -12.19
C ILE A 8 -7.93 1.48 -12.63
N ILE A 9 -6.91 0.79 -13.18
CA ILE A 9 -5.70 1.51 -13.53
C ILE A 9 -5.52 1.51 -15.04
N GLN A 10 -5.43 2.69 -15.64
CA GLN A 10 -4.87 2.83 -16.98
C GLN A 10 -3.36 2.97 -16.82
N ALA A 11 -2.62 2.01 -17.38
CA ALA A 11 -1.19 1.95 -17.13
C ALA A 11 -0.46 1.85 -18.45
N GLU A 12 0.48 2.78 -18.68
CA GLU A 12 1.27 2.76 -19.90
C GLU A 12 2.74 2.87 -19.52
N PHE A 13 3.63 2.47 -20.43
CA PHE A 13 5.03 2.74 -20.23
C PHE A 13 5.75 2.79 -21.58
N TYR A 14 6.93 3.40 -21.57
CA TYR A 14 7.83 3.41 -22.71
C TYR A 14 9.24 3.14 -22.22
N LEU A 15 9.96 2.28 -22.96
CA LEU A 15 11.29 1.85 -22.53
C LEU A 15 12.29 1.99 -23.69
N ASN A 16 13.34 2.78 -23.44
CA ASN A 16 14.50 2.89 -24.31
C ASN A 16 15.64 2.06 -23.69
N PRO A 17 16.56 1.50 -24.50
CA PRO A 17 16.60 1.75 -25.93
C PRO A 17 15.76 0.75 -26.71
N ASP A 18 15.13 -0.19 -26.01
CA ASP A 18 14.35 -1.25 -26.62
C ASP A 18 13.24 -0.68 -27.50
N GLN A 19 12.83 0.55 -27.21
CA GLN A 19 11.83 1.30 -27.96
C GLN A 19 10.56 0.48 -28.02
N SER A 20 10.01 0.16 -26.85
CA SER A 20 8.74 -0.53 -26.81
C SER A 20 7.96 0.00 -25.61
N GLY A 21 6.65 0.09 -25.81
CA GLY A 21 5.72 0.63 -24.83
C GLY A 21 4.42 -0.16 -24.85
N GLU A 22 3.87 -0.40 -23.67
CA GLU A 22 2.55 -1.01 -23.63
C GLU A 22 1.56 0.00 -23.10
N PHE A 23 0.27 -0.27 -23.34
CA PHE A 23 -0.84 0.48 -22.79
C PHE A 23 -1.92 -0.53 -22.44
N MET A 24 -2.32 -0.59 -21.17
CA MET A 24 -3.33 -1.55 -20.77
C MET A 24 -4.20 -1.00 -19.64
N PHE A 25 -5.37 -1.62 -19.44
CA PHE A 25 -6.26 -1.31 -18.33
C PHE A 25 -6.34 -2.51 -17.40
N ASP A 26 -6.31 -2.23 -16.10
CA ASP A 26 -6.29 -3.22 -15.05
C ASP A 26 -7.47 -2.94 -14.13
N PHE A 27 -8.23 -4.00 -13.79
CA PHE A 27 -9.27 -3.88 -12.77
C PHE A 27 -8.96 -4.83 -11.62
N ASP A 28 -8.60 -4.26 -10.47
CA ASP A 28 -8.34 -5.03 -9.27
C ASP A 28 -7.25 -6.06 -9.50
N GLY A 29 -6.31 -5.79 -10.42
CA GLY A 29 -5.16 -6.65 -10.57
C GLY A 29 -5.24 -7.64 -11.75
N ASP A 30 -6.39 -7.66 -12.42
CA ASP A 30 -6.57 -8.44 -13.64
C ASP A 30 -6.57 -7.45 -14.81
N GLU A 31 -6.13 -7.93 -15.99
CA GLU A 31 -6.05 -7.12 -17.20
C GLU A 31 -7.44 -7.08 -17.85
N ILE A 32 -7.92 -5.90 -18.25
CA ILE A 32 -9.19 -5.84 -18.97
C ILE A 32 -8.88 -6.00 -20.45
N PHE A 33 -7.96 -5.16 -20.95
CA PHE A 33 -7.50 -5.22 -22.32
C PHE A 33 -6.16 -4.49 -22.38
N HIS A 34 -5.38 -4.77 -23.43
CA HIS A 34 -4.23 -3.96 -23.82
C HIS A 34 -4.42 -3.56 -25.28
N VAL A 35 -3.59 -2.63 -25.74
CA VAL A 35 -3.55 -2.25 -27.13
C VAL A 35 -2.23 -2.76 -27.68
N ASP A 36 -2.31 -3.42 -28.85
CA ASP A 36 -1.18 -4.00 -29.53
C ASP A 36 -0.63 -2.94 -30.48
N MET A 37 0.58 -2.48 -30.17
CA MET A 37 1.22 -1.42 -30.93
C MET A 37 1.49 -1.88 -32.36
N ALA A 38 1.94 -3.15 -32.50
CA ALA A 38 2.14 -3.80 -33.78
C ALA A 38 0.88 -3.75 -34.64
N LYS A 39 -0.20 -4.44 -34.24
CA LYS A 39 -1.37 -4.58 -35.09
C LYS A 39 -2.35 -3.42 -34.91
N LYS A 40 -1.95 -2.43 -34.10
CA LYS A 40 -2.68 -1.19 -33.85
C LYS A 40 -4.18 -1.44 -33.59
N GLU A 41 -4.49 -2.42 -32.73
CA GLU A 41 -5.86 -2.71 -32.32
C GLU A 41 -5.90 -3.20 -30.86
N THR A 42 -7.11 -3.24 -30.28
CA THR A 42 -7.32 -3.53 -28.87
C THR A 42 -7.50 -5.03 -28.68
N VAL A 43 -6.87 -5.62 -27.65
CA VAL A 43 -6.92 -7.06 -27.41
C VAL A 43 -7.55 -7.32 -26.03
N TRP A 44 -8.74 -7.96 -26.01
CA TRP A 44 -9.40 -8.21 -24.74
C TRP A 44 -8.84 -9.43 -24.05
N ARG A 45 -8.60 -9.32 -22.74
CA ARG A 45 -8.13 -10.44 -21.95
C ARG A 45 -9.08 -11.63 -21.96
N LEU A 46 -10.39 -11.43 -22.04
CA LEU A 46 -11.29 -12.56 -22.26
C LEU A 46 -12.28 -12.19 -23.36
N GLU A 47 -12.67 -13.17 -24.18
CA GLU A 47 -13.55 -12.86 -25.30
C GLU A 47 -14.84 -12.13 -24.87
N GLU A 48 -15.51 -12.51 -23.77
CA GLU A 48 -16.82 -12.01 -23.37
C GLU A 48 -16.82 -10.52 -22.98
N PHE A 49 -15.61 -9.95 -22.88
CA PHE A 49 -15.46 -8.55 -22.52
C PHE A 49 -15.70 -7.70 -23.77
N GLY A 50 -15.00 -8.10 -24.85
CA GLY A 50 -15.11 -7.52 -26.17
C GLY A 50 -16.53 -7.62 -26.75
N ARG A 51 -17.44 -8.30 -26.05
CA ARG A 51 -18.79 -8.28 -26.58
C ARG A 51 -19.71 -7.55 -25.59
N PHE A 52 -19.14 -6.86 -24.59
CA PHE A 52 -19.95 -6.04 -23.70
C PHE A 52 -19.52 -4.58 -23.73
N ALA A 53 -18.26 -4.33 -24.12
CA ALA A 53 -17.70 -2.99 -24.07
C ALA A 53 -16.69 -2.83 -25.21
N SER A 54 -16.33 -1.60 -25.59
CA SER A 54 -15.22 -1.47 -26.50
C SER A 54 -14.41 -0.20 -26.22
N PHE A 55 -13.26 -0.10 -26.88
CA PHE A 55 -12.25 0.90 -26.61
C PHE A 55 -11.60 1.36 -27.92
N GLU A 56 -11.42 2.68 -28.09
CA GLU A 56 -10.80 3.20 -29.30
C GLU A 56 -9.28 3.18 -29.18
N ALA A 57 -8.67 2.23 -29.89
CA ALA A 57 -7.25 1.90 -29.83
C ALA A 57 -6.39 3.07 -30.27
N GLN A 58 -6.91 3.86 -31.23
CA GLN A 58 -6.15 4.94 -31.83
C GLN A 58 -5.52 5.83 -30.76
N GLY A 59 -6.37 6.39 -29.90
CA GLY A 59 -5.95 7.30 -28.85
C GLY A 59 -4.79 6.75 -28.00
N ALA A 60 -4.69 5.42 -27.87
CA ALA A 60 -3.63 4.84 -27.07
C ALA A 60 -2.27 5.06 -27.72
N LEU A 61 -2.21 5.00 -29.07
CA LEU A 61 -0.97 5.25 -29.78
C LEU A 61 -0.52 6.70 -29.56
N ALA A 62 -1.49 7.62 -29.68
CA ALA A 62 -1.31 9.02 -29.34
C ALA A 62 -0.54 9.17 -28.02
N ASN A 63 -0.97 8.43 -26.99
CA ASN A 63 -0.37 8.51 -25.66
C ASN A 63 1.07 8.01 -25.71
N ILE A 64 1.30 6.93 -26.46
CA ILE A 64 2.61 6.33 -26.44
C ILE A 64 3.62 7.27 -27.09
N ALA A 65 3.23 7.86 -28.23
CA ALA A 65 4.09 8.82 -28.90
C ALA A 65 4.50 9.93 -27.92
N VAL A 66 3.55 10.37 -27.10
CA VAL A 66 3.82 11.40 -26.10
C VAL A 66 4.80 10.83 -25.08
N ASP A 67 4.58 9.58 -24.71
CA ASP A 67 5.35 8.95 -23.66
C ASP A 67 6.79 8.82 -24.08
N LYS A 68 7.01 8.45 -25.34
CA LYS A 68 8.35 8.39 -25.88
C LYS A 68 9.01 9.77 -25.84
N ALA A 69 8.26 10.82 -26.21
CA ALA A 69 8.77 12.18 -26.16
C ALA A 69 9.25 12.52 -24.75
N ASN A 70 8.36 12.28 -23.78
CA ASN A 70 8.66 12.54 -22.38
C ASN A 70 9.85 11.72 -21.93
N LEU A 71 9.96 10.47 -22.39
CA LEU A 71 11.05 9.64 -21.95
C LEU A 71 12.39 10.26 -22.34
N GLU A 72 12.47 10.88 -23.52
CA GLU A 72 13.76 11.46 -23.90
C GLU A 72 14.03 12.69 -23.04
N ILE A 73 12.97 13.45 -22.70
CA ILE A 73 13.10 14.63 -21.86
C ILE A 73 13.60 14.22 -20.49
N MET A 74 13.09 13.12 -19.94
CA MET A 74 13.46 12.73 -18.59
C MET A 74 14.87 12.15 -18.58
N THR A 75 15.20 11.35 -19.60
CA THR A 75 16.52 10.76 -19.70
C THR A 75 17.57 11.84 -19.57
N LYS A 76 17.32 12.97 -20.24
CA LYS A 76 18.26 14.08 -20.29
C LYS A 76 18.24 14.82 -18.96
N ARG A 77 17.04 15.16 -18.48
CA ARG A 77 16.86 15.90 -17.24
C ARG A 77 17.50 15.17 -16.07
N SER A 78 17.51 13.84 -16.09
CA SER A 78 18.06 13.07 -14.99
C SER A 78 19.57 12.95 -15.13
N ASN A 79 20.14 13.71 -16.06
CA ASN A 79 21.54 13.59 -16.43
C ASN A 79 21.91 12.16 -16.85
N TYR A 80 21.00 11.55 -17.62
CA TYR A 80 21.21 10.26 -18.24
C TYR A 80 21.49 9.18 -17.20
N THR A 81 20.78 9.18 -16.05
CA THR A 81 21.01 8.10 -15.10
C THR A 81 20.03 6.98 -15.37
N PRO A 82 20.51 5.73 -15.56
CA PRO A 82 19.66 4.62 -15.95
C PRO A 82 19.00 3.88 -14.78
N ILE A 83 17.90 3.18 -15.10
CA ILE A 83 17.16 2.35 -14.15
C ILE A 83 18.12 1.33 -13.60
N THR A 84 17.90 0.90 -12.34
CA THR A 84 18.72 -0.16 -11.77
C THR A 84 17.90 -1.44 -11.73
N ASN A 85 18.46 -2.56 -12.21
CA ASN A 85 17.65 -3.74 -12.50
C ASN A 85 17.13 -4.36 -11.21
N VAL A 86 15.87 -4.80 -11.20
CA VAL A 86 15.41 -5.61 -10.09
C VAL A 86 15.01 -7.00 -10.60
N PRO A 87 15.67 -8.09 -10.15
CA PRO A 87 15.48 -9.42 -10.76
C PRO A 87 14.15 -9.99 -10.30
N PRO A 88 13.45 -10.81 -11.11
CA PRO A 88 12.13 -11.31 -10.74
C PRO A 88 12.20 -12.46 -9.74
N GLU A 89 11.06 -12.73 -9.08
CA GLU A 89 10.91 -14.00 -8.40
C GLU A 89 9.86 -14.81 -9.18
N VAL A 90 10.00 -16.15 -9.18
CA VAL A 90 9.24 -16.96 -10.12
C VAL A 90 8.70 -18.16 -9.37
N THR A 91 7.41 -18.47 -9.57
CA THR A 91 6.89 -19.74 -9.08
C THR A 91 6.10 -20.38 -10.21
N VAL A 92 6.09 -21.70 -10.24
CA VAL A 92 5.33 -22.44 -11.23
C VAL A 92 4.22 -23.16 -10.50
N LEU A 93 3.05 -23.25 -11.12
CA LEU A 93 1.82 -23.56 -10.43
C LEU A 93 0.89 -24.20 -11.45
N THR A 94 0.00 -25.11 -11.05
CA THR A 94 -1.00 -25.46 -12.04
C THR A 94 -2.26 -24.64 -11.78
N ASN A 95 -3.06 -24.54 -12.83
CA ASN A 95 -4.36 -23.91 -12.83
C ASN A 95 -5.27 -24.49 -11.75
N SER A 96 -5.22 -25.82 -11.60
CA SER A 96 -6.09 -26.54 -10.67
C SER A 96 -5.51 -27.93 -10.42
N PRO A 97 -5.91 -28.65 -9.33
CA PRO A 97 -5.31 -29.93 -8.97
C PRO A 97 -5.35 -30.90 -10.16
N VAL A 98 -4.25 -31.60 -10.42
CA VAL A 98 -4.08 -32.31 -11.68
C VAL A 98 -4.65 -33.71 -11.54
N GLU A 99 -5.34 -34.15 -12.60
CA GLU A 99 -5.83 -35.51 -12.73
C GLU A 99 -5.34 -36.05 -14.07
N LEU A 100 -4.96 -37.33 -14.09
CA LEU A 100 -4.32 -37.87 -15.27
C LEU A 100 -5.27 -37.80 -16.47
N ARG A 101 -4.77 -37.13 -17.52
CA ARG A 101 -5.40 -37.14 -18.83
C ARG A 101 -6.58 -36.18 -18.91
N GLU A 102 -6.77 -35.36 -17.88
CA GLU A 102 -7.60 -34.19 -18.10
C GLU A 102 -6.72 -32.98 -18.38
N PRO A 103 -7.04 -32.18 -19.43
CA PRO A 103 -6.35 -30.93 -19.72
C PRO A 103 -6.09 -30.10 -18.47
N ASN A 104 -4.93 -29.44 -18.45
CA ASN A 104 -4.61 -28.46 -17.43
C ASN A 104 -3.78 -27.33 -18.05
N VAL A 105 -3.36 -26.38 -17.20
CA VAL A 105 -2.45 -25.34 -17.60
C VAL A 105 -1.37 -25.17 -16.54
N LEU A 106 -0.10 -25.16 -16.97
CA LEU A 106 0.98 -24.76 -16.09
C LEU A 106 1.10 -23.26 -16.18
N ILE A 107 1.15 -22.62 -15.02
CA ILE A 107 1.32 -21.18 -14.90
C ILE A 107 2.72 -20.93 -14.36
N CYS A 108 3.43 -20.07 -15.09
CA CYS A 108 4.69 -19.57 -14.61
C CYS A 108 4.50 -18.08 -14.28
N PHE A 109 4.59 -17.76 -12.99
CA PHE A 109 4.26 -16.43 -12.49
C PHE A 109 5.55 -15.68 -12.14
N ILE A 110 5.81 -14.60 -12.90
CA ILE A 110 7.01 -13.82 -12.77
C ILE A 110 6.61 -12.47 -12.17
N ASP A 111 7.28 -12.09 -11.07
CA ASP A 111 6.76 -11.07 -10.18
C ASP A 111 7.93 -10.27 -9.61
N LYS A 112 7.70 -8.94 -9.44
CA LYS A 112 8.48 -8.02 -8.62
C LYS A 112 9.79 -7.67 -9.33
N PHE A 113 9.74 -7.35 -10.63
CA PHE A 113 10.95 -7.10 -11.39
C PHE A 113 10.79 -5.85 -12.26
N THR A 114 11.94 -5.30 -12.71
CA THR A 114 12.06 -4.16 -13.62
C THR A 114 13.48 -4.09 -14.16
N PRO A 115 13.73 -3.61 -15.40
CA PRO A 115 12.67 -3.06 -16.26
C PRO A 115 11.83 -4.17 -16.89
N PRO A 116 10.73 -3.84 -17.62
CA PRO A 116 9.84 -4.85 -18.18
C PRO A 116 10.33 -5.54 -19.44
N VAL A 117 11.40 -6.33 -19.30
CA VAL A 117 11.92 -7.12 -20.40
C VAL A 117 12.46 -8.42 -19.80
N VAL A 118 11.81 -9.52 -20.18
CA VAL A 118 12.14 -10.80 -19.57
C VAL A 118 11.96 -11.88 -20.62
N ASN A 119 12.89 -12.82 -20.71
CA ASN A 119 12.82 -13.86 -21.72
C ASN A 119 12.38 -15.19 -21.06
N VAL A 120 11.30 -15.80 -21.55
CA VAL A 120 10.74 -16.93 -20.84
C VAL A 120 10.61 -18.12 -21.78
N THR A 121 11.10 -19.29 -21.37
CA THR A 121 11.02 -20.45 -22.25
C THR A 121 10.56 -21.65 -21.42
N TRP A 122 9.60 -22.42 -21.95
CA TRP A 122 9.11 -23.64 -21.30
C TRP A 122 9.95 -24.85 -21.72
N LEU A 123 10.08 -25.86 -20.85
CA LEU A 123 10.91 -27.01 -21.18
C LEU A 123 10.21 -28.28 -20.72
N ARG A 124 9.89 -29.18 -21.67
CA ARG A 124 9.30 -30.49 -21.38
C ARG A 124 10.36 -31.58 -21.53
N ASN A 125 10.68 -32.20 -20.41
CA ASN A 125 11.81 -33.12 -20.26
C ASN A 125 13.12 -32.51 -20.76
N GLY A 126 13.20 -31.18 -20.74
CA GLY A 126 14.48 -30.59 -21.10
C GLY A 126 14.47 -29.99 -22.50
N LYS A 127 13.60 -30.46 -23.40
CA LYS A 127 13.49 -29.82 -24.70
C LYS A 127 12.52 -28.64 -24.61
N PRO A 128 12.84 -27.47 -25.21
CA PRO A 128 11.93 -26.33 -25.18
C PRO A 128 10.66 -26.72 -25.92
N VAL A 129 9.50 -26.28 -25.44
CA VAL A 129 8.24 -26.61 -26.09
C VAL A 129 7.45 -25.31 -26.22
N THR A 130 6.66 -25.14 -27.29
CA THR A 130 6.00 -23.86 -27.49
C THR A 130 4.57 -23.95 -28.00
N THR A 131 4.02 -25.17 -28.10
CA THR A 131 2.71 -25.37 -28.71
C THR A 131 1.58 -24.91 -27.79
N GLY A 132 0.91 -23.83 -28.22
CA GLY A 132 -0.27 -23.33 -27.54
C GLY A 132 0.08 -22.55 -26.28
N VAL A 133 1.36 -22.20 -26.08
CA VAL A 133 1.76 -21.34 -24.98
C VAL A 133 1.20 -19.95 -25.22
N SER A 134 1.08 -19.15 -24.16
CA SER A 134 0.64 -17.77 -24.28
C SER A 134 1.11 -16.95 -23.07
N GLU A 135 1.00 -15.61 -23.15
CA GLU A 135 1.49 -14.78 -22.07
C GLU A 135 0.54 -13.59 -21.85
N THR A 136 0.59 -12.98 -20.67
CA THR A 136 -0.05 -11.69 -20.46
C THR A 136 0.95 -10.61 -20.81
N VAL A 137 0.51 -9.35 -20.83
CA VAL A 137 1.40 -8.20 -20.95
C VAL A 137 2.10 -8.00 -19.61
N PHE A 138 2.99 -7.00 -19.50
CA PHE A 138 3.57 -6.67 -18.20
C PHE A 138 2.49 -5.96 -17.37
N LEU A 139 2.10 -6.53 -16.22
CA LEU A 139 1.05 -5.92 -15.41
C LEU A 139 1.67 -5.08 -14.30
N PRO A 140 0.96 -4.02 -13.84
CA PRO A 140 1.55 -3.08 -12.88
C PRO A 140 1.47 -3.60 -11.46
N ARG A 141 2.27 -3.02 -10.55
CA ARG A 141 2.27 -3.29 -9.12
C ARG A 141 2.30 -1.95 -8.39
N GLU A 142 1.95 -1.91 -7.09
CA GLU A 142 1.87 -0.62 -6.45
C GLU A 142 3.26 -0.07 -6.21
N ASP A 143 4.29 -0.92 -6.26
CA ASP A 143 5.66 -0.46 -6.06
C ASP A 143 6.33 -0.09 -7.39
N HIS A 144 5.59 -0.21 -8.49
CA HIS A 144 6.00 0.22 -9.82
C HIS A 144 6.94 -0.78 -10.48
N LEU A 145 7.08 -1.97 -9.85
CA LEU A 145 7.66 -3.13 -10.52
C LEU A 145 6.59 -3.79 -11.40
N PHE A 146 6.94 -4.91 -12.05
CA PHE A 146 5.96 -5.58 -12.90
C PHE A 146 5.71 -7.02 -12.48
N ARG A 147 4.61 -7.56 -13.01
CA ARG A 147 4.20 -8.95 -12.91
C ARG A 147 3.95 -9.40 -14.34
N LYS A 148 4.08 -10.71 -14.58
CA LYS A 148 3.75 -11.31 -15.86
C LYS A 148 3.39 -12.78 -15.63
N PHE A 149 2.46 -13.29 -16.43
CA PHE A 149 2.08 -14.69 -16.34
C PHE A 149 2.36 -15.36 -17.67
N HIS A 150 2.94 -16.57 -17.62
CA HIS A 150 3.19 -17.37 -18.80
C HIS A 150 2.44 -18.71 -18.68
N TYR A 151 1.82 -19.16 -19.78
CA TYR A 151 0.89 -20.28 -19.71
C TYR A 151 1.29 -21.40 -20.66
N LEU A 152 1.17 -22.66 -20.20
CA LEU A 152 1.47 -23.81 -21.03
C LEU A 152 0.41 -24.89 -20.83
N PRO A 153 -0.58 -25.05 -21.72
CA PRO A 153 -1.60 -26.09 -21.56
C PRO A 153 -0.95 -27.45 -21.82
N PHE A 154 -1.39 -28.46 -21.07
CA PHE A 154 -0.72 -29.74 -21.06
C PHE A 154 -1.69 -30.85 -20.64
N LEU A 155 -1.47 -32.07 -21.15
CA LEU A 155 -2.11 -33.26 -20.63
C LEU A 155 -1.22 -33.87 -19.56
N PRO A 156 -1.62 -33.85 -18.28
CA PRO A 156 -0.70 -34.27 -17.22
C PRO A 156 -0.46 -35.76 -17.33
N SER A 157 0.81 -36.16 -17.27
CA SER A 157 1.15 -37.57 -17.19
C SER A 157 2.28 -37.83 -16.20
N THR A 158 2.45 -39.11 -15.87
CA THR A 158 3.49 -39.63 -14.99
C THR A 158 4.85 -39.40 -15.63
N GLU A 159 4.87 -39.52 -16.96
CA GLU A 159 6.07 -39.54 -17.79
C GLU A 159 6.83 -38.21 -17.68
N ASP A 160 6.11 -37.10 -17.89
CA ASP A 160 6.70 -35.81 -18.27
C ASP A 160 7.03 -34.94 -17.06
N VAL A 161 8.17 -34.26 -17.13
CA VAL A 161 8.51 -33.18 -16.20
C VAL A 161 8.60 -31.85 -16.97
N TYR A 162 8.27 -30.73 -16.32
CA TYR A 162 8.23 -29.42 -16.98
C TYR A 162 9.09 -28.41 -16.24
N ASP A 163 9.55 -27.38 -16.95
CA ASP A 163 10.36 -26.34 -16.35
C ASP A 163 10.04 -24.99 -16.96
N CYS A 164 9.99 -23.98 -16.08
CA CYS A 164 9.90 -22.62 -16.54
C CYS A 164 11.29 -22.01 -16.40
N ARG A 165 11.89 -21.61 -17.52
CA ARG A 165 13.19 -20.94 -17.49
C ARG A 165 13.02 -19.45 -17.79
N VAL A 166 13.48 -18.61 -16.84
CA VAL A 166 13.31 -17.16 -16.90
C VAL A 166 14.68 -16.48 -16.88
N GLU A 167 14.96 -15.69 -17.93
CA GLU A 167 16.16 -14.87 -18.02
C GLU A 167 15.76 -13.41 -17.82
N HIS A 168 16.56 -12.65 -17.06
CA HIS A 168 16.36 -11.22 -16.85
C HIS A 168 17.67 -10.57 -16.48
N TRP A 169 17.82 -9.27 -16.82
CA TRP A 169 19.08 -8.57 -16.64
C TRP A 169 19.60 -8.58 -15.20
N GLY A 170 18.67 -8.72 -14.25
CA GLY A 170 19.02 -8.64 -12.84
C GLY A 170 19.53 -9.95 -12.24
N LEU A 171 19.48 -11.07 -12.98
CA LEU A 171 19.79 -12.38 -12.45
C LEU A 171 21.18 -12.80 -12.92
N ASP A 172 21.88 -13.57 -12.09
CA ASP A 172 23.23 -14.00 -12.41
C ASP A 172 23.17 -15.04 -13.54
N GLU A 173 22.77 -16.26 -13.21
CA GLU A 173 22.37 -17.22 -14.22
C GLU A 173 20.85 -17.21 -14.29
N PRO A 174 20.23 -17.82 -15.32
CA PRO A 174 18.76 -17.87 -15.41
C PRO A 174 18.07 -18.71 -14.32
N LEU A 175 16.77 -18.47 -14.12
CA LEU A 175 16.02 -19.23 -13.13
C LEU A 175 15.26 -20.38 -13.80
N LEU A 176 15.51 -21.60 -13.32
CA LEU A 176 14.73 -22.76 -13.73
C LEU A 176 13.73 -23.10 -12.62
N LYS A 177 12.44 -23.17 -12.96
CA LYS A 177 11.50 -23.56 -11.93
C LYS A 177 10.77 -24.84 -12.35
N HIS A 178 10.88 -25.88 -11.49
CA HIS A 178 10.55 -27.25 -11.89
C HIS A 178 9.10 -27.61 -11.53
N TRP A 179 8.47 -28.52 -12.25
CA TRP A 179 7.15 -29.02 -11.85
C TRP A 179 6.95 -30.45 -12.36
N GLU A 180 6.39 -31.34 -11.52
CA GLU A 180 6.13 -32.69 -12.01
C GLU A 180 5.02 -33.39 -11.23
N PHE A 181 4.13 -34.02 -12.00
CA PHE A 181 2.99 -34.75 -11.49
C PHE A 181 3.34 -35.57 -10.26
N ASP A 182 2.47 -35.49 -9.24
CA ASP A 182 2.59 -36.30 -8.03
C ASP A 182 1.26 -37.04 -7.80
N GLY B 2 26.77 -8.07 -23.39
CA GLY B 2 25.78 -9.18 -23.54
C GLY B 2 24.37 -8.61 -23.48
N ASP B 3 24.15 -7.52 -24.21
CA ASP B 3 23.08 -6.58 -23.99
C ASP B 3 23.22 -6.01 -22.60
N THR B 4 24.06 -5.02 -22.55
CA THR B 4 24.50 -4.53 -21.29
C THR B 4 24.22 -3.04 -21.35
N ARG B 5 23.55 -2.65 -22.44
CA ARG B 5 23.21 -1.27 -22.70
C ARG B 5 22.37 -0.77 -21.53
N PRO B 6 22.45 0.52 -21.12
CA PRO B 6 21.62 1.05 -20.03
C PRO B 6 20.14 1.18 -20.37
N ARG B 7 19.23 1.16 -19.38
CA ARG B 7 17.82 1.33 -19.74
C ARG B 7 17.21 2.56 -19.08
N PHE B 8 16.26 3.21 -19.79
CA PHE B 8 15.54 4.35 -19.26
C PHE B 8 14.05 4.09 -19.39
N LEU B 9 13.33 4.22 -18.26
CA LEU B 9 11.95 3.75 -18.26
C LEU B 9 11.01 4.81 -17.71
N TRP B 10 9.94 5.10 -18.46
CA TRP B 10 8.90 6.04 -18.07
C TRP B 10 7.55 5.33 -18.01
N GLN B 11 6.89 5.34 -16.83
CA GLN B 11 5.60 4.66 -16.67
C GLN B 11 4.60 5.67 -16.16
N LEU B 12 3.39 5.58 -16.72
CA LEU B 12 2.23 6.37 -16.33
C LEU B 12 1.12 5.49 -15.77
N LYS B 13 0.54 5.97 -14.68
CA LYS B 13 -0.59 5.28 -14.09
C LYS B 13 -1.64 6.34 -13.79
N PHE B 14 -2.84 6.10 -14.32
CA PHE B 14 -4.04 6.75 -13.83
C PHE B 14 -4.84 5.73 -13.04
N GLU B 15 -4.90 5.92 -11.72
CA GLU B 15 -5.68 5.07 -10.85
C GLU B 15 -7.00 5.76 -10.50
N CYS B 16 -8.12 5.08 -10.73
CA CYS B 16 -9.38 5.50 -10.16
C CYS B 16 -9.68 4.57 -8.99
N HIS B 17 -9.90 5.17 -7.81
CA HIS B 17 -10.24 4.47 -6.59
C HIS B 17 -11.72 4.67 -6.29
N PHE B 18 -12.49 3.58 -6.18
CA PHE B 18 -13.90 3.71 -5.87
C PHE B 18 -14.15 3.18 -4.47
N PHE B 19 -14.80 3.98 -3.63
CA PHE B 19 -15.19 3.56 -2.30
C PHE B 19 -16.71 3.55 -2.28
N ASN B 20 -17.26 2.40 -1.85
CA ASN B 20 -18.71 2.20 -1.82
C ASN B 20 -19.33 2.57 -3.17
N GLY B 21 -19.09 1.75 -4.19
CA GLY B 21 -19.64 2.02 -5.51
C GLY B 21 -19.00 3.24 -6.14
N THR B 22 -19.80 4.18 -6.66
CA THR B 22 -19.24 5.42 -7.15
C THR B 22 -19.53 6.55 -6.17
N GLU B 23 -19.93 6.20 -4.95
CA GLU B 23 -20.32 7.22 -3.99
C GLU B 23 -19.14 8.19 -3.77
N ARG B 24 -17.98 7.65 -3.40
CA ARG B 24 -16.80 8.47 -3.34
C ARG B 24 -15.76 7.89 -4.29
N VAL B 25 -15.23 8.71 -5.19
CA VAL B 25 -14.24 8.32 -6.17
C VAL B 25 -13.06 9.25 -6.06
N ARG B 26 -11.84 8.76 -6.28
CA ARG B 26 -10.67 9.61 -6.20
C ARG B 26 -9.69 9.24 -7.30
N LEU B 27 -9.08 10.25 -7.94
CA LEU B 27 -8.16 9.97 -9.05
C LEU B 27 -6.71 10.26 -8.64
N LEU B 28 -5.80 9.38 -9.04
CA LEU B 28 -4.37 9.64 -8.98
C LEU B 28 -3.75 9.46 -10.36
N GLU B 29 -3.22 10.54 -10.94
CA GLU B 29 -2.36 10.47 -12.10
C GLU B 29 -0.93 10.47 -11.58
N ARG B 30 -0.13 9.47 -11.98
CA ARG B 30 1.24 9.37 -11.50
C ARG B 30 2.21 9.18 -12.65
N CYS B 31 3.33 9.94 -12.61
CA CYS B 31 4.40 9.87 -13.59
C CYS B 31 5.64 9.32 -12.89
N ILE B 32 6.22 8.24 -13.45
CA ILE B 32 7.23 7.49 -12.74
C ILE B 32 8.45 7.26 -13.62
N TYR B 33 9.59 7.87 -13.23
CA TYR B 33 10.83 7.72 -13.99
C TYR B 33 11.81 6.77 -13.29
N ASN B 34 12.03 5.63 -13.93
CA ASN B 34 12.98 4.62 -13.48
C ASN B 34 12.53 4.13 -12.12
N GLN B 35 11.21 3.90 -11.99
CA GLN B 35 10.64 3.33 -10.79
C GLN B 35 10.60 4.33 -9.64
N GLU B 36 10.76 5.64 -9.92
CA GLU B 36 10.51 6.63 -8.88
C GLU B 36 9.44 7.59 -9.37
N GLU B 37 8.39 7.78 -8.56
CA GLU B 37 7.33 8.69 -8.93
C GLU B 37 7.90 10.10 -8.85
N SER B 38 7.63 10.93 -9.86
CA SER B 38 8.19 12.26 -9.87
C SER B 38 7.11 13.36 -9.73
N VAL B 39 6.01 13.26 -10.47
CA VAL B 39 4.92 14.22 -10.33
C VAL B 39 3.66 13.44 -10.16
N ARG B 40 2.66 14.08 -9.56
CA ARG B 40 1.41 13.39 -9.32
C ARG B 40 0.26 14.37 -9.32
N PHE B 41 -0.88 13.93 -9.87
CA PHE B 41 -2.10 14.72 -9.77
C PHE B 41 -3.09 13.96 -8.89
N ASP B 42 -3.47 14.57 -7.77
CA ASP B 42 -4.39 13.86 -6.89
C ASP B 42 -5.69 14.63 -6.91
N SER B 43 -6.77 13.95 -7.29
CA SER B 43 -8.06 14.59 -7.38
C SER B 43 -8.37 15.36 -6.09
N ASP B 44 -7.84 14.91 -4.95
CA ASP B 44 -8.07 15.50 -3.64
C ASP B 44 -7.31 16.81 -3.48
N VAL B 45 -6.41 17.11 -4.42
CA VAL B 45 -5.70 18.36 -4.34
C VAL B 45 -6.14 19.25 -5.49
N GLY B 46 -6.15 18.70 -6.70
CA GLY B 46 -6.67 19.41 -7.86
C GLY B 46 -5.59 20.23 -8.56
N GLU B 47 -4.33 19.90 -8.26
CA GLU B 47 -3.18 20.49 -8.92
C GLU B 47 -2.12 19.42 -9.01
N TYR B 48 -1.11 19.63 -9.86
CA TYR B 48 -0.03 18.68 -9.85
C TYR B 48 0.88 19.05 -8.69
N ARG B 49 1.42 18.06 -8.00
CA ARG B 49 2.52 18.36 -7.11
C ARG B 49 3.69 17.47 -7.48
N ALA B 50 4.91 18.02 -7.35
CA ALA B 50 6.11 17.26 -7.63
C ALA B 50 6.34 16.32 -6.45
N VAL B 51 6.98 15.18 -6.68
CA VAL B 51 7.14 14.20 -5.62
C VAL B 51 8.63 14.08 -5.35
N THR B 52 9.42 14.22 -6.41
CA THR B 52 10.88 14.33 -6.36
C THR B 52 11.32 15.61 -7.08
N GLU B 53 12.62 15.97 -6.97
CA GLU B 53 13.10 17.21 -7.56
C GLU B 53 12.93 17.17 -9.08
N LEU B 54 13.06 15.97 -9.66
CA LEU B 54 12.97 15.75 -11.09
C LEU B 54 11.64 16.27 -11.66
N GLY B 55 10.61 16.26 -10.80
CA GLY B 55 9.24 16.54 -11.23
C GLY B 55 8.86 18.01 -11.16
N ARG B 56 9.68 18.84 -10.50
CA ARG B 56 9.32 20.22 -10.23
C ARG B 56 8.98 20.97 -11.51
N PRO B 57 9.80 20.91 -12.59
CA PRO B 57 9.50 21.58 -13.85
C PRO B 57 8.13 21.24 -14.40
N ASP B 58 7.77 19.97 -14.36
CA ASP B 58 6.54 19.54 -15.01
C ASP B 58 5.33 20.00 -14.22
N ALA B 59 5.45 20.02 -12.89
CA ALA B 59 4.33 20.36 -12.04
C ALA B 59 4.01 21.84 -12.22
N GLU B 60 5.05 22.68 -12.20
CA GLU B 60 4.90 24.10 -12.40
C GLU B 60 4.26 24.37 -13.77
N TYR B 61 4.76 23.68 -14.80
CA TYR B 61 4.36 23.93 -16.17
C TYR B 61 2.91 23.52 -16.39
N TRP B 62 2.53 22.34 -15.90
CA TRP B 62 1.20 21.79 -16.14
C TRP B 62 0.17 22.58 -15.36
N ASN B 63 0.58 23.15 -14.23
CA ASN B 63 -0.30 23.91 -13.38
C ASN B 63 -0.62 25.25 -14.03
N SER B 64 0.18 25.65 -15.04
CA SER B 64 -0.15 26.85 -15.78
C SER B 64 -1.22 26.56 -16.82
N GLN B 65 -1.38 25.32 -17.27
CA GLN B 65 -2.38 25.08 -18.31
C GLN B 65 -3.76 24.97 -17.68
N LYS B 66 -4.43 26.12 -17.49
CA LYS B 66 -5.76 26.19 -16.90
C LYS B 66 -6.70 25.17 -17.53
N ASP B 67 -6.45 24.82 -18.81
CA ASP B 67 -7.31 23.94 -19.57
C ASP B 67 -7.17 22.52 -19.06
N LEU B 68 -5.91 22.05 -19.00
CA LEU B 68 -5.55 20.76 -18.46
C LEU B 68 -6.18 20.57 -17.09
N LEU B 69 -5.97 21.50 -16.16
CA LEU B 69 -6.45 21.37 -14.80
C LEU B 69 -7.97 21.24 -14.74
N GLU B 70 -8.69 22.11 -15.47
CA GLU B 70 -10.15 22.05 -15.46
C GLU B 70 -10.60 20.65 -15.82
N GLN B 71 -9.87 20.03 -16.78
CA GLN B 71 -10.21 18.78 -17.43
C GLN B 71 -10.08 17.61 -16.45
N ARG B 72 -8.97 17.59 -15.69
CA ARG B 72 -8.68 16.52 -14.75
C ARG B 72 -9.59 16.61 -13.53
N ARG B 73 -9.81 17.82 -13.03
CA ARG B 73 -10.65 18.01 -11.87
C ARG B 73 -11.99 17.35 -12.16
N ALA B 74 -12.41 17.46 -13.43
CA ALA B 74 -13.70 17.01 -13.93
C ALA B 74 -13.66 15.52 -14.19
N ALA B 75 -12.44 14.95 -14.32
CA ALA B 75 -12.19 13.58 -14.72
C ALA B 75 -12.88 12.56 -13.82
N VAL B 76 -13.10 12.92 -12.56
CA VAL B 76 -13.72 12.00 -11.64
C VAL B 76 -15.15 11.71 -12.09
N ASP B 77 -15.66 12.54 -13.00
CA ASP B 77 -16.96 12.36 -13.63
C ASP B 77 -16.78 11.76 -15.03
N THR B 78 -16.02 12.46 -15.88
CA THR B 78 -15.83 12.15 -17.28
C THR B 78 -15.07 10.83 -17.51
N TYR B 79 -14.23 10.42 -16.58
CA TYR B 79 -13.34 9.28 -16.83
C TYR B 79 -13.61 8.12 -15.86
N CYS B 80 -13.50 8.38 -14.54
CA CYS B 80 -13.58 7.35 -13.52
C CYS B 80 -14.99 6.79 -13.40
N ARG B 81 -15.99 7.64 -13.11
CA ARG B 81 -17.35 7.15 -12.95
C ARG B 81 -17.84 6.54 -14.27
N HIS B 82 -17.42 7.13 -15.40
CA HIS B 82 -17.87 6.67 -16.71
C HIS B 82 -17.42 5.23 -16.93
N ASN B 83 -16.11 5.02 -16.78
CA ASN B 83 -15.54 3.70 -17.01
C ASN B 83 -16.14 2.72 -16.02
N TYR B 84 -16.36 3.14 -14.77
CA TYR B 84 -16.92 2.20 -13.82
C TYR B 84 -18.22 1.66 -14.40
N GLY B 85 -19.02 2.58 -14.93
CA GLY B 85 -20.28 2.22 -15.54
C GLY B 85 -20.11 1.18 -16.63
N VAL B 86 -19.29 1.50 -17.62
CA VAL B 86 -19.03 0.63 -18.76
C VAL B 86 -18.79 -0.80 -18.29
N GLY B 87 -17.78 -1.00 -17.43
CA GLY B 87 -17.27 -2.34 -17.14
C GLY B 87 -18.01 -3.06 -16.00
N GLU B 88 -18.82 -2.31 -15.25
CA GLU B 88 -19.42 -2.79 -14.02
C GLU B 88 -20.00 -4.19 -14.22
N SER B 89 -20.66 -4.39 -15.36
CA SER B 89 -21.52 -5.56 -15.55
C SER B 89 -20.73 -6.86 -15.56
N PHE B 90 -19.44 -6.80 -15.97
CA PHE B 90 -18.65 -8.00 -16.20
C PHE B 90 -17.36 -8.01 -15.39
N THR B 91 -17.11 -6.91 -14.67
CA THR B 91 -15.96 -6.86 -13.78
C THR B 91 -16.42 -6.85 -12.32
N VAL B 92 -17.10 -5.78 -11.91
CA VAL B 92 -17.62 -5.67 -10.55
C VAL B 92 -18.58 -6.83 -10.25
N GLN B 93 -19.41 -7.25 -11.19
CA GLN B 93 -20.44 -8.17 -10.81
C GLN B 93 -20.10 -9.59 -11.28
N ARG B 94 -18.86 -9.80 -11.73
CA ARG B 94 -18.43 -11.11 -12.17
C ARG B 94 -18.49 -12.07 -11.00
N ARG B 95 -19.22 -13.19 -11.13
CA ARG B 95 -19.11 -14.22 -10.11
C ARG B 95 -18.84 -15.57 -10.76
N VAL B 96 -17.85 -16.29 -10.25
CA VAL B 96 -17.53 -17.61 -10.77
C VAL B 96 -17.34 -18.50 -9.57
N GLU B 97 -18.23 -19.49 -9.42
CA GLU B 97 -18.26 -20.37 -8.27
C GLU B 97 -16.96 -21.18 -8.20
N PRO B 98 -16.41 -21.52 -7.02
CA PRO B 98 -15.17 -22.29 -6.99
C PRO B 98 -15.43 -23.79 -7.08
N LYS B 99 -14.43 -24.57 -7.56
CA LYS B 99 -14.41 -26.03 -7.47
C LYS B 99 -13.65 -26.44 -6.19
N VAL B 100 -14.22 -27.38 -5.42
CA VAL B 100 -13.60 -27.79 -4.17
C VAL B 100 -13.25 -29.27 -4.19
N THR B 101 -12.00 -29.61 -3.90
CA THR B 101 -11.53 -30.99 -3.78
C THR B 101 -10.82 -31.14 -2.44
N VAL B 102 -11.04 -32.29 -1.80
CA VAL B 102 -10.24 -32.66 -0.64
C VAL B 102 -9.38 -33.87 -1.02
N TYR B 103 -8.19 -33.97 -0.45
CA TYR B 103 -7.35 -35.13 -0.70
C TYR B 103 -6.20 -35.19 0.30
N PRO B 104 -5.74 -36.40 0.70
CA PRO B 104 -4.67 -36.53 1.67
C PRO B 104 -3.32 -36.28 1.03
N SER B 105 -2.31 -36.12 1.89
CA SER B 105 -0.96 -35.68 1.54
C SER B 105 0.06 -36.01 2.65
N LYS B 106 1.36 -35.75 2.37
CA LYS B 106 2.48 -35.88 3.31
C LYS B 106 3.19 -34.53 3.47
N THR B 107 4.23 -34.48 4.31
CA THR B 107 4.87 -33.23 4.71
C THR B 107 6.39 -33.31 4.49
N GLN B 108 6.97 -32.29 3.83
CA GLN B 108 8.35 -32.32 3.34
C GLN B 108 9.30 -32.98 4.35
N HIS B 112 -0.22 -44.21 5.86
CA HIS B 112 0.17 -43.08 6.74
C HIS B 112 0.09 -41.75 5.99
N HIS B 113 -0.83 -40.89 6.43
CA HIS B 113 -0.98 -39.53 5.93
C HIS B 113 -0.94 -38.54 7.09
N ASN B 114 -0.49 -37.32 6.81
CA ASN B 114 -0.40 -36.35 7.89
C ASN B 114 -1.09 -35.05 7.48
N LEU B 115 -1.46 -34.90 6.22
CA LEU B 115 -1.93 -33.61 5.75
C LEU B 115 -3.27 -33.82 5.04
N LEU B 116 -4.33 -33.09 5.36
CA LEU B 116 -5.50 -33.15 4.50
C LEU B 116 -5.56 -31.86 3.72
N VAL B 117 -5.52 -31.90 2.40
CA VAL B 117 -5.52 -30.68 1.61
C VAL B 117 -6.94 -30.36 1.17
N CYS B 118 -7.34 -29.10 1.30
CA CYS B 118 -8.60 -28.68 0.73
C CYS B 118 -8.35 -27.64 -0.35
N SER B 119 -8.52 -28.02 -1.62
CA SER B 119 -8.22 -27.17 -2.74
C SER B 119 -9.49 -26.46 -3.23
N VAL B 120 -9.38 -25.14 -3.47
CA VAL B 120 -10.47 -24.33 -3.98
C VAL B 120 -9.99 -23.58 -5.23
N SER B 121 -10.62 -23.85 -6.39
CA SER B 121 -10.11 -23.45 -7.69
C SER B 121 -11.09 -22.57 -8.45
N GLY B 122 -10.54 -21.66 -9.25
CA GLY B 122 -11.24 -21.07 -10.37
C GLY B 122 -12.40 -20.16 -9.97
N PHE B 123 -12.34 -19.55 -8.78
CA PHE B 123 -13.41 -18.66 -8.33
C PHE B 123 -13.05 -17.20 -8.60
N TYR B 124 -14.08 -16.35 -8.55
CA TYR B 124 -13.96 -14.91 -8.64
C TYR B 124 -15.22 -14.31 -8.03
N PRO B 125 -15.19 -13.18 -7.28
CA PRO B 125 -13.97 -12.46 -6.95
C PRO B 125 -13.16 -13.15 -5.85
N GLY B 126 -12.07 -12.48 -5.46
CA GLY B 126 -10.98 -13.07 -4.71
C GLY B 126 -11.34 -13.45 -3.28
N SER B 127 -12.35 -12.83 -2.66
CA SER B 127 -12.53 -13.03 -1.22
C SER B 127 -13.38 -14.26 -0.93
N ILE B 128 -12.88 -15.13 -0.04
CA ILE B 128 -13.42 -16.45 0.20
C ILE B 128 -13.14 -16.83 1.65
N GLU B 129 -13.97 -17.68 2.26
CA GLU B 129 -13.63 -18.23 3.58
C GLU B 129 -13.63 -19.75 3.49
N VAL B 130 -12.54 -20.38 3.90
CA VAL B 130 -12.41 -21.83 3.89
C VAL B 130 -12.17 -22.33 5.31
N ARG B 131 -12.96 -23.30 5.78
CA ARG B 131 -12.81 -23.75 7.17
C ARG B 131 -12.75 -25.27 7.24
N TRP B 132 -12.11 -25.78 8.29
CA TRP B 132 -12.00 -27.22 8.47
C TRP B 132 -12.76 -27.61 9.73
N PHE B 133 -13.58 -28.64 9.63
CA PHE B 133 -14.24 -29.16 10.81
C PHE B 133 -13.89 -30.63 11.01
N ARG B 134 -13.68 -31.00 12.28
CA ARG B 134 -13.65 -32.39 12.68
C ARG B 134 -14.97 -32.71 13.34
N ASN B 135 -15.88 -33.26 12.53
CA ASN B 135 -17.17 -33.73 12.96
C ASN B 135 -18.14 -32.57 13.09
N GLY B 136 -17.64 -31.34 13.22
CA GLY B 136 -18.53 -30.31 13.74
C GLY B 136 -17.80 -29.31 14.62
N GLN B 137 -16.57 -29.66 14.99
CA GLN B 137 -15.72 -28.75 15.72
C GLN B 137 -14.69 -28.16 14.77
N GLU B 138 -14.75 -26.85 14.57
CA GLU B 138 -13.81 -26.17 13.69
C GLU B 138 -12.38 -26.39 14.17
N GLU B 139 -11.47 -26.69 13.23
CA GLU B 139 -10.06 -26.86 13.56
C GLU B 139 -9.34 -25.59 13.15
N LYS B 140 -8.70 -24.95 14.13
CA LYS B 140 -8.06 -23.67 13.86
C LYS B 140 -6.56 -23.83 13.86
N ALA B 141 -5.95 -24.31 14.97
CA ALA B 141 -4.51 -24.53 14.92
C ALA B 141 -4.22 -25.64 13.92
N GLY B 142 -2.98 -25.67 13.39
CA GLY B 142 -2.62 -26.74 12.47
C GLY B 142 -3.25 -26.63 11.08
N VAL B 143 -3.94 -25.51 10.81
CA VAL B 143 -4.26 -25.14 9.44
C VAL B 143 -3.13 -24.26 8.93
N VAL B 144 -2.63 -24.56 7.74
CA VAL B 144 -1.72 -23.71 7.00
C VAL B 144 -2.35 -23.47 5.64
N SER B 145 -2.01 -22.36 5.00
CA SER B 145 -2.57 -22.17 3.67
C SER B 145 -1.51 -21.55 2.76
N THR B 146 -1.78 -21.65 1.43
CA THR B 146 -0.98 -20.99 0.42
C THR B 146 -1.30 -19.51 0.43
N GLY B 147 -2.43 -19.14 1.04
CA GLY B 147 -2.95 -17.81 0.84
C GLY B 147 -3.64 -17.75 -0.51
N LEU B 148 -4.23 -16.58 -0.82
CA LEU B 148 -5.08 -16.43 -2.00
C LEU B 148 -4.17 -16.21 -3.19
N ILE B 149 -4.38 -16.98 -4.28
CA ILE B 149 -3.47 -16.94 -5.43
C ILE B 149 -4.26 -16.49 -6.65
N GLN B 150 -3.64 -15.58 -7.42
CA GLN B 150 -4.31 -14.99 -8.57
C GLN B 150 -3.70 -15.58 -9.83
N ASN B 151 -4.53 -16.08 -10.75
CA ASN B 151 -3.97 -16.80 -11.90
C ASN B 151 -3.71 -15.88 -13.07
N GLY B 152 -4.39 -14.75 -13.14
CA GLY B 152 -4.02 -13.81 -14.17
C GLY B 152 -5.01 -13.83 -15.32
N ASP B 153 -6.06 -14.65 -15.15
CA ASP B 153 -7.08 -14.88 -16.13
C ASP B 153 -8.46 -14.77 -15.50
N TRP B 154 -8.59 -13.91 -14.47
CA TRP B 154 -9.86 -13.58 -13.84
C TRP B 154 -10.47 -14.76 -13.11
N THR B 155 -9.58 -15.60 -12.56
CA THR B 155 -9.92 -16.53 -11.49
C THR B 155 -8.85 -16.47 -10.38
N PHE B 156 -9.17 -17.14 -9.27
CA PHE B 156 -8.28 -17.27 -8.11
C PHE B 156 -8.24 -18.73 -7.69
N GLN B 157 -7.21 -19.09 -6.91
CA GLN B 157 -7.22 -20.38 -6.26
C GLN B 157 -6.57 -20.27 -4.89
N THR B 158 -6.78 -21.31 -4.07
CA THR B 158 -6.13 -21.38 -2.78
C THR B 158 -6.10 -22.83 -2.32
N LEU B 159 -5.06 -23.20 -1.56
CA LEU B 159 -5.03 -24.49 -0.87
C LEU B 159 -5.03 -24.24 0.63
N VAL B 160 -5.93 -24.92 1.35
CA VAL B 160 -5.98 -24.79 2.80
C VAL B 160 -5.77 -26.15 3.42
N MET B 161 -4.62 -26.37 4.04
CA MET B 161 -4.25 -27.69 4.51
C MET B 161 -4.46 -27.84 6.00
N LEU B 162 -4.61 -29.08 6.48
CA LEU B 162 -4.83 -29.30 7.88
C LEU B 162 -3.92 -30.43 8.34
N GLU B 163 -3.00 -30.13 9.26
CA GLU B 163 -2.06 -31.10 9.80
C GLU B 163 -2.84 -31.93 10.81
N THR B 164 -3.11 -33.20 10.46
CA THR B 164 -3.77 -34.11 11.37
C THR B 164 -3.35 -35.53 11.02
N VAL B 165 -3.22 -36.41 12.03
CA VAL B 165 -3.24 -37.83 11.74
C VAL B 165 -4.70 -38.30 11.83
N PRO B 166 -5.41 -38.44 10.67
CA PRO B 166 -6.86 -38.68 10.69
C PRO B 166 -7.07 -39.95 11.48
N ARG B 167 -7.87 -39.90 12.57
CA ARG B 167 -8.32 -41.14 13.18
C ARG B 167 -9.53 -41.63 12.41
N SER B 168 -9.68 -42.95 12.29
CA SER B 168 -10.83 -43.52 11.62
C SER B 168 -12.03 -43.44 12.56
N GLY B 169 -13.18 -43.09 11.96
CA GLY B 169 -14.41 -42.86 12.71
C GLY B 169 -14.69 -41.37 12.81
N GLU B 170 -13.79 -40.56 12.27
CA GLU B 170 -13.95 -39.12 12.35
C GLU B 170 -14.18 -38.61 10.94
N VAL B 171 -14.97 -37.54 10.85
CA VAL B 171 -15.28 -36.96 9.56
C VAL B 171 -14.67 -35.56 9.50
N TYR B 172 -13.77 -35.34 8.55
CA TYR B 172 -13.21 -34.02 8.32
C TYR B 172 -13.98 -33.36 7.19
N THR B 173 -14.42 -32.11 7.38
CA THR B 173 -15.21 -31.44 6.39
C THR B 173 -14.61 -30.08 6.16
N CYS B 174 -14.34 -29.81 4.89
CA CYS B 174 -13.89 -28.52 4.41
C CYS B 174 -15.13 -27.78 3.95
N GLN B 175 -15.35 -26.58 4.50
CA GLN B 175 -16.53 -25.77 4.21
C GLN B 175 -16.13 -24.43 3.60
N VAL B 176 -16.63 -24.10 2.39
CA VAL B 176 -16.28 -22.88 1.68
C VAL B 176 -17.48 -21.95 1.58
N GLU B 177 -17.29 -20.67 1.89
CA GLU B 177 -18.29 -19.65 1.64
C GLU B 177 -17.74 -18.61 0.68
N HIS B 178 -18.55 -18.19 -0.30
CA HIS B 178 -18.08 -17.32 -1.37
C HIS B 178 -19.25 -16.56 -1.96
N PRO B 179 -19.06 -15.31 -2.43
CA PRO B 179 -20.18 -14.45 -2.82
C PRO B 179 -21.00 -14.99 -3.98
N SER B 180 -20.53 -16.10 -4.59
CA SER B 180 -21.14 -16.64 -5.78
C SER B 180 -22.12 -17.76 -5.44
N VAL B 181 -22.00 -18.34 -4.25
CA VAL B 181 -23.00 -19.30 -3.80
C VAL B 181 -23.79 -18.70 -2.65
N THR B 182 -25.11 -18.92 -2.66
CA THR B 182 -25.96 -18.39 -1.61
C THR B 182 -26.05 -19.41 -0.48
N SER B 183 -25.22 -20.43 -0.51
CA SER B 183 -25.21 -21.37 0.59
C SER B 183 -23.86 -22.05 0.59
N PRO B 184 -23.22 -22.33 1.75
CA PRO B 184 -21.84 -22.86 1.78
C PRO B 184 -21.64 -24.18 1.05
N LEU B 185 -20.47 -24.35 0.44
CA LEU B 185 -20.11 -25.59 -0.21
C LEU B 185 -19.41 -26.49 0.81
N THR B 186 -19.67 -27.80 0.76
CA THR B 186 -18.88 -28.65 1.64
C THR B 186 -18.36 -29.88 0.89
N VAL B 187 -17.24 -30.41 1.40
CA VAL B 187 -16.67 -31.66 0.94
C VAL B 187 -16.18 -32.44 2.16
N GLU B 188 -16.73 -33.65 2.38
CA GLU B 188 -16.37 -34.50 3.50
C GLU B 188 -15.18 -35.38 3.16
N TRP B 189 -14.38 -35.75 4.15
CA TRP B 189 -13.35 -36.76 3.99
C TRP B 189 -13.35 -37.68 5.21
N ARG B 190 -14.05 -38.82 5.07
CA ARG B 190 -14.42 -39.68 6.19
C ARG B 190 -13.27 -40.63 6.49
N ALA B 191 -13.46 -41.43 7.54
CA ALA B 191 -12.44 -42.21 8.27
C ALA B 191 -11.01 -41.69 8.02
N MET C 5 -23.50 -1.28 -26.14
CA MET C 5 -22.11 -1.43 -25.59
C MET C 5 -21.61 -0.08 -25.09
N GLY C 6 -21.03 -0.06 -23.89
CA GLY C 6 -20.35 1.15 -23.44
C GLY C 6 -18.97 1.28 -24.08
N MET C 7 -18.51 2.52 -24.23
CA MET C 7 -17.18 2.79 -24.75
C MET C 7 -16.31 3.28 -23.61
N PHE C 8 -15.19 2.58 -23.35
CA PHE C 8 -14.29 3.01 -22.29
C PHE C 8 -13.59 4.28 -22.74
N ASN C 9 -13.41 5.23 -21.80
CA ASN C 9 -12.65 6.45 -22.07
C ASN C 9 -11.23 6.26 -21.58
N MET C 10 -10.31 7.06 -22.12
CA MET C 10 -8.97 7.07 -21.57
C MET C 10 -8.52 8.49 -21.28
N LEU C 11 -7.44 8.66 -20.52
CA LEU C 11 -6.93 10.00 -20.28
C LEU C 11 -5.70 10.21 -21.14
N SER C 12 -5.49 11.45 -21.61
CA SER C 12 -4.40 11.70 -22.52
C SER C 12 -3.16 12.18 -21.79
N THR C 13 -2.02 11.55 -22.08
CA THR C 13 -0.75 12.03 -21.57
C THR C 13 -0.47 13.36 -22.25
N VAL C 14 0.17 14.26 -21.49
CA VAL C 14 0.47 15.60 -21.98
C VAL C 14 1.99 15.77 -21.88
N LEU C 15 2.55 16.59 -22.75
CA LEU C 15 3.99 16.63 -22.90
C LEU C 15 4.62 17.41 -21.76
N GLY C 16 5.77 16.93 -21.24
CA GLY C 16 6.53 17.60 -20.19
C GLY C 16 7.29 18.84 -20.68
N VAL C 17 8.21 19.39 -19.87
CA VAL C 17 8.96 20.61 -20.21
C VAL C 17 10.32 20.23 -20.77
N SER C 18 10.69 20.77 -21.94
CA SER C 18 12.06 20.50 -22.40
C SER C 18 12.92 21.76 -22.37
N ILE C 19 14.24 21.52 -22.39
CA ILE C 19 15.23 22.54 -22.70
C ILE C 19 16.08 22.02 -23.89
N GLU D 4 -10.59 -2.22 4.23
CA GLU D 4 -10.49 -2.41 5.71
C GLU D 4 -11.02 -1.19 6.47
N GLU D 5 -11.51 -1.40 7.69
CA GLU D 5 -11.87 -0.24 8.49
C GLU D 5 -10.64 0.31 9.20
N HIS D 6 -9.93 -0.50 9.99
CA HIS D 6 -8.88 0.09 10.82
C HIS D 6 -7.65 -0.82 10.92
N VAL D 7 -6.52 -0.23 11.36
CA VAL D 7 -5.29 -0.96 11.58
C VAL D 7 -4.68 -0.55 12.92
N ILE D 8 -4.10 -1.51 13.65
CA ILE D 8 -3.44 -1.23 14.93
C ILE D 8 -2.04 -1.82 14.90
N ILE D 9 -1.02 -1.00 15.07
CA ILE D 9 0.32 -1.48 14.83
C ILE D 9 1.12 -1.41 16.11
N GLN D 10 1.63 -2.57 16.57
CA GLN D 10 2.69 -2.57 17.57
C GLN D 10 4.03 -2.47 16.83
N ALA D 11 4.77 -1.38 17.07
CA ALA D 11 5.97 -1.10 16.30
C ALA D 11 7.15 -0.88 17.24
N GLU D 12 8.23 -1.65 17.05
CA GLU D 12 9.44 -1.47 17.84
C GLU D 12 10.64 -1.37 16.91
N PHE D 13 11.75 -0.81 17.42
CA PHE D 13 12.99 -0.83 16.67
C PHE D 13 14.19 -0.76 17.59
N TYR D 14 15.37 -1.10 17.06
CA TYR D 14 16.64 -0.97 17.74
C TYR D 14 17.69 -0.50 16.74
N LEU D 15 18.56 0.44 17.18
CA LEU D 15 19.51 1.07 16.29
C LEU D 15 20.91 1.08 16.92
N ASN D 16 21.86 0.49 16.18
CA ASN D 16 23.28 0.54 16.49
C ASN D 16 23.97 1.54 15.57
N PRO D 17 25.07 2.21 16.00
CA PRO D 17 25.68 1.95 17.30
C PRO D 17 25.09 2.81 18.41
N ASP D 18 24.10 3.63 18.08
CA ASP D 18 23.50 4.57 19.01
C ASP D 18 22.91 3.85 20.23
N GLN D 19 22.61 2.57 20.04
CA GLN D 19 22.11 1.70 21.10
C GLN D 19 20.83 2.31 21.69
N SER D 20 19.83 2.51 20.85
CA SER D 20 18.57 3.02 21.34
C SER D 20 17.45 2.41 20.51
N GLY D 21 16.33 2.15 21.19
CA GLY D 21 15.17 1.46 20.64
C GLY D 21 13.88 2.00 21.27
N GLU D 22 12.82 2.07 20.47
CA GLU D 22 11.54 2.44 21.02
C GLU D 22 10.56 1.28 20.83
N PHE D 23 9.40 1.42 21.49
CA PHE D 23 8.27 0.51 21.41
C PHE D 23 7.00 1.33 21.56
N MET D 24 6.13 1.29 20.54
CA MET D 24 4.90 2.06 20.64
C MET D 24 3.75 1.36 19.92
N PHE D 25 2.51 1.80 20.23
CA PHE D 25 1.31 1.31 19.57
C PHE D 25 0.67 2.46 18.79
N ASP D 26 0.21 2.14 17.58
CA ASP D 26 -0.35 3.10 16.64
C ASP D 26 -1.74 2.63 16.24
N PHE D 27 -2.74 3.52 16.23
CA PHE D 27 -4.02 3.21 15.64
C PHE D 27 -4.31 4.22 14.52
N ASP D 28 -4.33 3.70 13.29
CA ASP D 28 -4.68 4.47 12.10
C ASP D 28 -3.76 5.69 11.96
N GLY D 29 -2.52 5.57 12.42
CA GLY D 29 -1.50 6.58 12.16
C GLY D 29 -1.27 7.57 13.32
N ASP D 30 -2.10 7.44 14.38
CA ASP D 30 -1.92 8.19 15.61
C ASP D 30 -1.36 7.26 16.66
N GLU D 31 -0.64 7.83 17.63
CA GLU D 31 0.02 7.07 18.67
C GLU D 31 -0.96 6.82 19.81
N ILE D 32 -1.04 5.58 20.30
CA ILE D 32 -1.88 5.31 21.45
C ILE D 32 -1.04 5.52 22.70
N PHE D 33 0.13 4.87 22.76
CA PHE D 33 1.09 5.04 23.83
C PHE D 33 2.46 4.56 23.34
N HIS D 34 3.53 5.01 24.01
CA HIS D 34 4.85 4.40 23.88
C HIS D 34 5.35 4.04 25.28
N VAL D 35 6.44 3.28 25.35
CA VAL D 35 7.10 3.07 26.63
C VAL D 35 8.46 3.74 26.57
N ASP D 36 8.84 4.36 27.69
CA ASP D 36 10.12 5.02 27.88
C ASP D 36 11.08 4.02 28.50
N MET D 37 12.11 3.67 27.73
CA MET D 37 13.09 2.67 28.15
C MET D 37 13.84 3.12 29.42
N ALA D 38 14.22 4.40 29.46
CA ALA D 38 14.90 4.98 30.60
C ALA D 38 14.04 4.86 31.85
N LYS D 39 12.87 5.51 31.84
CA LYS D 39 12.01 5.67 33.02
C LYS D 39 11.14 4.42 33.22
N LYS D 40 11.28 3.43 32.33
CA LYS D 40 10.71 2.09 32.44
C LYS D 40 9.21 2.15 32.77
N GLU D 41 8.47 3.05 32.09
CA GLU D 41 7.03 3.13 32.22
C GLU D 41 6.41 3.63 30.92
N THR D 42 5.10 3.40 30.75
CA THR D 42 4.46 3.71 29.49
C THR D 42 3.78 5.08 29.57
N VAL D 43 3.77 5.79 28.44
CA VAL D 43 3.28 7.16 28.31
C VAL D 43 2.09 7.18 27.36
N TRP D 44 0.90 7.51 27.87
CA TRP D 44 -0.28 7.53 27.02
C TRP D 44 -0.36 8.85 26.26
N ARG D 45 -0.46 8.81 24.92
CA ARG D 45 -0.27 9.97 24.06
C ARG D 45 -1.30 11.06 24.34
N LEU D 46 -2.51 10.68 24.77
CA LEU D 46 -3.43 11.62 25.39
C LEU D 46 -3.73 11.15 26.81
N GLU D 47 -4.02 12.10 27.71
CA GLU D 47 -4.21 11.80 29.11
C GLU D 47 -5.26 10.70 29.34
N GLU D 48 -6.46 10.87 28.77
CA GLU D 48 -7.61 10.02 29.10
C GLU D 48 -7.51 8.66 28.44
N PHE D 49 -6.37 8.35 27.82
CA PHE D 49 -6.11 6.99 27.33
C PHE D 49 -5.64 6.14 28.50
N GLY D 50 -4.70 6.71 29.29
CA GLY D 50 -4.21 6.12 30.54
C GLY D 50 -5.30 5.89 31.59
N ARG D 51 -6.48 6.44 31.33
CA ARG D 51 -7.65 6.36 32.18
C ARG D 51 -8.58 5.24 31.71
N PHE D 52 -8.35 4.71 30.49
CA PHE D 52 -9.27 3.73 29.93
C PHE D 52 -8.57 2.42 29.62
N ALA D 53 -7.24 2.38 29.76
CA ALA D 53 -6.52 1.14 29.50
C ALA D 53 -5.30 1.06 30.41
N SER D 54 -4.47 0.04 30.16
CA SER D 54 -3.19 -0.06 30.84
C SER D 54 -2.23 -0.90 29.99
N PHE D 55 -0.96 -0.98 30.42
CA PHE D 55 0.06 -1.69 29.66
C PHE D 55 1.29 -2.03 30.48
N GLU D 56 1.73 -3.30 30.40
CA GLU D 56 2.88 -3.78 31.16
C GLU D 56 4.18 -3.46 30.41
N ALA D 57 4.90 -2.47 30.95
CA ALA D 57 6.10 -1.90 30.38
C ALA D 57 7.23 -2.94 30.28
N GLN D 58 7.30 -3.81 31.29
CA GLN D 58 8.43 -4.70 31.48
C GLN D 58 8.67 -5.49 30.21
N GLY D 59 7.60 -6.18 29.75
CA GLY D 59 7.65 -7.03 28.57
C GLY D 59 8.27 -6.36 27.36
N ALA D 60 8.11 -5.04 27.26
CA ALA D 60 8.63 -4.30 26.12
C ALA D 60 10.16 -4.29 26.13
N LEU D 61 10.77 -4.18 27.32
CA LEU D 61 12.22 -4.22 27.44
C LEU D 61 12.74 -5.58 26.99
N ALA D 62 12.07 -6.65 27.45
CA ALA D 62 12.41 -8.01 27.04
C ALA D 62 12.51 -8.08 25.52
N ASN D 63 11.56 -7.47 24.82
CA ASN D 63 11.55 -7.45 23.37
C ASN D 63 12.75 -6.68 22.83
N ILE D 64 13.13 -5.58 23.48
CA ILE D 64 14.21 -4.75 22.98
C ILE D 64 15.52 -5.53 23.06
N ALA D 65 15.75 -6.20 24.21
CA ALA D 65 16.95 -7.00 24.38
C ALA D 65 17.04 -8.02 23.25
N VAL D 66 15.90 -8.61 22.86
CA VAL D 66 15.85 -9.57 21.77
C VAL D 66 16.21 -8.86 20.48
N ASP D 67 15.69 -7.63 20.34
CA ASP D 67 15.82 -6.88 19.11
C ASP D 67 17.30 -6.56 18.89
N LYS D 68 17.97 -6.14 19.96
CA LYS D 68 19.40 -5.88 19.91
C LYS D 68 20.16 -7.15 19.51
N ALA D 69 19.80 -8.30 20.10
CA ALA D 69 20.42 -9.56 19.76
C ALA D 69 20.30 -9.84 18.27
N ASN D 70 19.07 -9.75 17.74
CA ASN D 70 18.77 -9.95 16.33
C ASN D 70 19.59 -8.98 15.48
N LEU D 71 19.68 -7.73 15.93
CA LEU D 71 20.37 -6.73 15.15
C LEU D 71 21.83 -7.12 14.94
N GLU D 72 22.46 -7.72 15.96
CA GLU D 72 23.86 -8.12 15.84
C GLU D 72 23.96 -9.25 14.81
N ILE D 73 23.00 -10.18 14.86
CA ILE D 73 22.99 -11.36 13.99
C ILE D 73 22.88 -10.89 12.53
N MET D 74 21.99 -9.92 12.30
CA MET D 74 21.73 -9.50 10.92
C MET D 74 22.91 -8.67 10.41
N THR D 75 23.44 -7.78 11.26
CA THR D 75 24.53 -6.93 10.84
C THR D 75 25.67 -7.80 10.31
N LYS D 76 25.92 -8.93 10.98
CA LYS D 76 27.00 -9.84 10.62
C LYS D 76 26.63 -10.60 9.35
N ARG D 77 25.42 -11.18 9.33
CA ARG D 77 24.93 -11.97 8.20
C ARG D 77 24.98 -11.16 6.91
N SER D 78 24.71 -9.86 6.99
CA SER D 78 24.68 -9.00 5.82
C SER D 78 26.09 -8.57 5.42
N ASN D 79 27.13 -9.17 6.03
CA ASN D 79 28.51 -8.74 5.86
C ASN D 79 28.69 -7.28 6.25
N TYR D 80 28.02 -6.84 7.32
CA TYR D 80 28.16 -5.50 7.87
C TYR D 80 27.84 -4.43 6.83
N THR D 81 26.78 -4.59 6.04
CA THR D 81 26.40 -3.51 5.14
C THR D 81 25.41 -2.59 5.85
N PRO D 82 25.69 -1.27 5.91
CA PRO D 82 24.91 -0.33 6.71
C PRO D 82 23.70 0.27 6.00
N ILE D 83 22.73 0.75 6.79
CA ILE D 83 21.56 1.46 6.29
C ILE D 83 22.03 2.63 5.45
N THR D 84 21.24 3.00 4.44
CA THR D 84 21.56 4.15 3.61
C THR D 84 20.56 5.25 3.97
N ASN D 85 21.08 6.44 4.27
CA ASN D 85 20.32 7.49 4.93
C ASN D 85 19.23 8.00 4.00
N VAL D 86 18.04 8.27 4.54
CA VAL D 86 17.04 8.96 3.75
C VAL D 86 16.70 10.26 4.44
N PRO D 87 16.95 11.44 3.81
CA PRO D 87 16.79 12.73 4.49
C PRO D 87 15.31 13.07 4.59
N PRO D 88 14.84 13.74 5.68
CA PRO D 88 13.42 13.98 5.89
C PRO D 88 12.91 15.11 5.01
N GLU D 89 11.59 15.18 4.84
CA GLU D 89 10.95 16.40 4.38
C GLU D 89 10.29 17.06 5.57
N VAL D 90 10.27 18.40 5.60
CA VAL D 90 9.80 19.11 6.78
C VAL D 90 8.81 20.17 6.34
N THR D 91 7.64 20.20 6.98
CA THR D 91 6.68 21.26 6.72
C THR D 91 6.32 21.87 8.06
N VAL D 92 6.21 23.22 8.10
CA VAL D 92 5.74 23.87 9.31
C VAL D 92 4.34 24.42 9.01
N LEU D 93 3.40 24.19 9.93
CA LEU D 93 2.05 24.63 9.68
C LEU D 93 1.38 24.89 11.02
N THR D 94 0.30 25.68 11.02
CA THR D 94 -0.29 25.99 12.31
C THR D 94 -1.46 25.04 12.54
N ASN D 95 -1.77 24.89 13.83
CA ASN D 95 -2.90 24.17 14.36
C ASN D 95 -4.20 24.61 13.70
N SER D 96 -4.37 25.92 13.50
CA SER D 96 -5.61 26.49 12.99
C SER D 96 -5.32 27.88 12.45
N PRO D 97 -6.21 28.47 11.61
CA PRO D 97 -5.98 29.80 11.03
C PRO D 97 -5.64 30.83 12.10
N VAL D 98 -4.58 31.65 11.89
CA VAL D 98 -4.04 32.45 12.97
C VAL D 98 -4.77 33.78 12.99
N GLU D 99 -5.02 34.24 14.23
CA GLU D 99 -5.52 35.58 14.50
C GLU D 99 -4.53 36.31 15.40
N LEU D 100 -4.44 37.63 15.23
CA LEU D 100 -3.30 38.35 15.77
C LEU D 100 -3.12 38.19 17.28
N ARG D 101 -4.17 38.12 18.10
CA ARG D 101 -3.82 38.09 19.51
C ARG D 101 -3.90 36.68 20.09
N GLU D 102 -4.39 35.72 19.32
CA GLU D 102 -4.97 34.53 19.92
C GLU D 102 -3.97 33.38 19.94
N PRO D 103 -3.83 32.67 21.09
CA PRO D 103 -2.88 31.56 21.20
C PRO D 103 -3.03 30.55 20.06
N ASN D 104 -1.90 29.98 19.64
CA ASN D 104 -1.89 28.97 18.60
C ASN D 104 -0.78 27.95 18.86
N VAL D 105 -0.60 27.02 17.92
CA VAL D 105 0.50 26.08 17.95
C VAL D 105 1.12 25.96 16.56
N LEU D 106 2.46 26.09 16.50
CA LEU D 106 3.18 25.75 15.29
C LEU D 106 3.49 24.27 15.34
N ILE D 107 3.18 23.58 14.23
CA ILE D 107 3.47 22.17 14.08
C ILE D 107 4.59 22.03 13.06
N CYS D 108 5.64 21.33 13.48
CA CYS D 108 6.75 21.04 12.60
C CYS D 108 6.74 19.55 12.36
N PHE D 109 6.44 19.17 11.11
CA PHE D 109 6.19 17.78 10.75
C PHE D 109 7.38 17.26 9.96
N ILE D 110 8.07 16.28 10.54
CA ILE D 110 9.25 15.68 9.95
C ILE D 110 8.88 14.28 9.48
N ASP D 111 9.12 13.97 8.21
CA ASP D 111 8.43 12.90 7.54
C ASP D 111 9.38 12.28 6.51
N LYS D 112 9.35 10.95 6.40
CA LYS D 112 9.91 10.17 5.30
C LYS D 112 11.42 10.07 5.43
N PHE D 113 11.91 9.77 6.64
CA PHE D 113 13.35 9.73 6.88
C PHE D 113 13.73 8.46 7.66
N THR D 114 15.03 8.12 7.57
CA THR D 114 15.69 7.02 8.27
C THR D 114 17.20 7.22 8.18
N PRO D 115 18.00 6.80 9.19
CA PRO D 115 17.49 6.08 10.37
C PRO D 115 16.80 7.00 11.37
N PRO D 116 16.19 6.48 12.46
CA PRO D 116 15.47 7.32 13.43
C PRO D 116 16.37 8.07 14.39
N VAL D 117 17.09 9.06 13.84
CA VAL D 117 17.86 9.99 14.63
C VAL D 117 17.71 11.37 14.00
N VAL D 118 16.97 12.26 14.68
CA VAL D 118 16.91 13.65 14.27
C VAL D 118 17.00 14.53 15.51
N ASN D 119 17.76 15.62 15.40
CA ASN D 119 17.75 16.72 16.34
C ASN D 119 17.00 17.90 15.72
N VAL D 120 15.99 18.38 16.46
CA VAL D 120 15.12 19.44 16.01
C VAL D 120 15.07 20.52 17.09
N THR D 121 15.39 21.75 16.69
CA THR D 121 15.23 22.86 17.62
C THR D 121 14.41 23.97 16.95
N TRP D 122 13.54 24.60 17.75
CA TRP D 122 12.76 25.75 17.31
C TRP D 122 13.56 27.04 17.49
N LEU D 123 13.30 28.05 16.64
CA LEU D 123 14.03 29.30 16.69
C LEU D 123 13.05 30.45 16.53
N ARG D 124 12.97 31.33 17.55
CA ARG D 124 12.20 32.56 17.46
C ARG D 124 13.14 33.75 17.25
N ASN D 125 12.99 34.38 16.08
CA ASN D 125 13.98 35.29 15.54
C ASN D 125 15.28 34.51 15.60
N GLY D 126 16.35 35.11 16.13
CA GLY D 126 17.60 34.35 16.18
C GLY D 126 17.49 33.07 17.04
N LYS D 127 16.90 33.23 18.23
CA LYS D 127 17.26 32.48 19.42
C LYS D 127 16.48 31.19 19.45
N PRO D 128 17.11 30.06 19.87
CA PRO D 128 16.36 28.83 20.15
C PRO D 128 15.37 29.12 21.27
N VAL D 129 14.16 28.55 21.17
CA VAL D 129 13.17 28.76 22.21
C VAL D 129 12.58 27.40 22.57
N THR D 130 12.28 27.18 23.87
CA THR D 130 11.99 25.84 24.36
C THR D 130 10.88 25.83 25.42
N THR D 131 10.26 26.98 25.72
CA THR D 131 9.17 27.02 26.69
C THR D 131 7.89 26.45 26.09
N GLY D 132 7.46 25.30 26.62
CA GLY D 132 6.18 24.70 26.26
C GLY D 132 6.27 23.86 24.98
N VAL D 133 7.49 23.73 24.43
CA VAL D 133 7.77 22.85 23.31
C VAL D 133 7.52 21.40 23.77
N SER D 134 7.24 20.51 22.81
CA SER D 134 6.97 19.10 23.08
C SER D 134 7.05 18.31 21.77
N GLU D 135 7.23 16.98 21.89
CA GLU D 135 7.46 16.19 20.69
C GLU D 135 6.76 14.84 20.77
N THR D 136 6.51 14.30 19.58
CA THR D 136 5.99 12.96 19.35
C THR D 136 7.21 12.04 19.27
N VAL D 137 7.04 10.74 19.52
CA VAL D 137 8.13 9.79 19.34
C VAL D 137 8.25 9.46 17.85
N PHE D 138 9.19 8.62 17.41
CA PHE D 138 9.25 8.29 16.00
C PHE D 138 8.08 7.37 15.62
N LEU D 139 7.21 7.81 14.70
CA LEU D 139 6.07 7.00 14.31
C LEU D 139 6.37 6.22 13.04
N PRO D 140 5.74 5.04 12.84
CA PRO D 140 6.01 4.23 11.64
C PRO D 140 5.26 4.73 10.41
N ARG D 141 5.71 4.29 9.22
CA ARG D 141 5.11 4.53 7.91
C ARG D 141 5.08 3.21 7.14
N GLU D 142 4.27 3.13 6.09
CA GLU D 142 4.13 1.83 5.44
C GLU D 142 5.40 1.44 4.69
N ASP D 143 6.24 2.41 4.36
CA ASP D 143 7.47 2.15 3.62
C ASP D 143 8.67 1.94 4.57
N HIS D 144 8.40 1.97 5.88
CA HIS D 144 9.35 1.64 6.93
C HIS D 144 10.29 2.79 7.22
N LEU D 145 10.03 3.98 6.63
CA LEU D 145 10.62 5.23 7.10
C LEU D 145 9.88 5.73 8.34
N PHE D 146 10.27 6.89 8.88
CA PHE D 146 9.59 7.38 10.07
C PHE D 146 9.00 8.76 9.87
N ARG D 147 8.11 9.12 10.81
CA ARG D 147 7.50 10.43 10.93
C ARG D 147 7.76 10.89 12.35
N LYS D 148 7.76 12.21 12.57
CA LYS D 148 7.85 12.79 13.91
C LYS D 148 7.20 14.17 13.88
N PHE D 149 6.61 14.56 15.02
CA PHE D 149 5.96 15.85 15.12
C PHE D 149 6.61 16.65 16.23
N HIS D 150 6.83 17.96 15.99
CA HIS D 150 7.30 18.87 17.02
C HIS D 150 6.29 20.00 17.17
N TYR D 151 6.04 20.41 18.42
CA TYR D 151 4.97 21.37 18.71
C TYR D 151 5.53 22.58 19.45
N LEU D 152 5.08 23.78 19.07
CA LEU D 152 5.47 24.99 19.76
C LEU D 152 4.28 25.93 19.91
N PRO D 153 3.61 25.97 21.09
CA PRO D 153 2.52 26.94 21.31
C PRO D 153 3.13 28.33 21.41
N PHE D 154 2.42 29.31 20.88
CA PHE D 154 2.95 30.66 20.67
C PHE D 154 1.79 31.67 20.60
N LEU D 155 2.06 32.93 21.02
CA LEU D 155 1.12 34.00 20.73
C LEU D 155 1.54 34.70 19.43
N PRO D 156 0.75 34.61 18.34
CA PRO D 156 1.22 35.10 17.05
C PRO D 156 1.33 36.62 17.08
N SER D 157 2.44 37.17 16.57
CA SER D 157 2.51 38.61 16.36
C SER D 157 3.13 38.95 15.01
N THR D 158 3.02 40.23 14.60
CA THR D 158 3.62 40.68 13.35
C THR D 158 5.13 40.73 13.48
N GLU D 159 5.61 40.97 14.72
CA GLU D 159 7.02 41.18 15.01
C GLU D 159 7.85 39.92 14.75
N ASP D 160 7.37 38.74 15.20
CA ASP D 160 8.19 37.55 15.32
C ASP D 160 8.20 36.67 14.08
N VAL D 161 9.37 36.09 13.80
CA VAL D 161 9.48 35.00 12.84
C VAL D 161 9.92 33.73 13.57
N TYR D 162 9.46 32.56 13.08
CA TYR D 162 9.81 31.28 13.67
C TYR D 162 10.48 30.38 12.65
N ASP D 163 11.28 29.43 13.15
CA ASP D 163 11.95 28.46 12.29
C ASP D 163 12.01 27.11 12.95
N CYS D 164 11.77 26.06 12.17
CA CYS D 164 12.06 24.72 12.61
C CYS D 164 13.38 24.30 11.99
N ARG D 165 14.39 24.02 12.81
CA ARG D 165 15.71 23.63 12.35
C ARG D 165 15.94 22.15 12.64
N VAL D 166 16.18 21.38 11.57
CA VAL D 166 16.20 19.93 11.60
C VAL D 166 17.54 19.43 11.04
N GLU D 167 18.26 18.65 11.86
CA GLU D 167 19.51 18.05 11.46
C GLU D 167 19.30 16.55 11.23
N HIS D 168 19.81 16.01 10.11
CA HIS D 168 19.74 14.59 9.82
C HIS D 168 20.90 14.14 8.94
N TRP D 169 21.31 12.88 9.08
CA TRP D 169 22.53 12.43 8.43
C TRP D 169 22.46 12.50 6.91
N GLY D 170 21.23 12.53 6.37
CA GLY D 170 21.02 12.49 4.94
C GLY D 170 21.05 13.88 4.30
N LEU D 171 21.12 14.95 5.12
CA LEU D 171 21.11 16.33 4.66
C LEU D 171 22.52 16.87 4.73
N ASP D 172 22.90 17.70 3.76
CA ASP D 172 24.24 18.27 3.71
C ASP D 172 24.39 19.33 4.80
N GLU D 173 23.71 20.46 4.60
CA GLU D 173 23.52 21.50 5.60
C GLU D 173 22.18 21.20 6.31
N PRO D 174 21.85 21.91 7.40
CA PRO D 174 20.56 21.73 8.08
C PRO D 174 19.33 22.14 7.26
N LEU D 175 18.15 21.61 7.63
CA LEU D 175 16.92 22.13 7.07
C LEU D 175 16.27 23.13 8.02
N LEU D 176 16.12 24.37 7.55
CA LEU D 176 15.44 25.42 8.28
C LEU D 176 14.07 25.62 7.63
N LYS D 177 12.99 25.47 8.39
CA LYS D 177 11.69 25.67 7.78
C LYS D 177 10.97 26.85 8.43
N HIS D 178 10.58 27.84 7.61
CA HIS D 178 10.27 29.19 8.09
C HIS D 178 8.78 29.37 8.34
N TRP D 179 8.39 30.31 9.21
CA TRP D 179 6.99 30.66 9.32
C TRP D 179 6.85 32.08 9.86
N GLU D 180 5.92 32.88 9.31
CA GLU D 180 5.66 34.20 9.87
C GLU D 180 4.27 34.70 9.49
N PHE D 181 3.55 35.27 10.45
CA PHE D 181 2.20 35.78 10.23
C PHE D 181 2.14 36.59 8.94
N ASP D 182 1.08 36.38 8.15
CA ASP D 182 0.85 37.15 6.93
C ASP D 182 -0.49 37.89 6.96
N THR E 4 29.60 11.09 10.82
CA THR E 4 30.12 10.09 11.82
C THR E 4 29.82 8.67 11.32
N ARG E 5 29.97 7.66 12.19
CA ARG E 5 30.16 6.28 11.78
C ARG E 5 28.84 5.71 11.24
N PRO E 6 28.86 4.53 10.57
CA PRO E 6 27.65 3.99 9.91
C PRO E 6 26.62 3.39 10.88
N ARG E 7 25.36 3.24 10.43
CA ARG E 7 24.33 2.72 11.32
C ARG E 7 23.69 1.45 10.79
N PHE E 8 23.19 0.62 11.72
CA PHE E 8 22.46 -0.61 11.41
C PHE E 8 21.16 -0.61 12.20
N LEU E 9 20.04 -0.94 11.54
CA LEU E 9 18.73 -0.74 12.14
C LEU E 9 17.88 -1.98 11.93
N TRP E 10 17.21 -2.43 13.00
CA TRP E 10 16.22 -3.49 12.93
C TRP E 10 14.88 -3.00 13.49
N GLN E 11 13.80 -3.10 12.69
CA GLN E 11 12.45 -2.73 13.14
C GLN E 11 11.51 -3.93 13.01
N LEU E 12 10.52 -3.95 13.92
CA LEU E 12 9.46 -4.95 14.00
C LEU E 12 8.09 -4.29 13.96
N LYS E 13 7.18 -4.83 13.13
CA LYS E 13 5.81 -4.37 13.16
C LYS E 13 4.87 -5.55 13.19
N PHE E 14 3.97 -5.51 14.19
CA PHE E 14 2.85 -6.42 14.28
C PHE E 14 1.57 -5.64 13.97
N GLU E 15 1.02 -5.85 12.77
CA GLU E 15 -0.14 -5.11 12.32
C GLU E 15 -1.38 -5.99 12.36
N CYS E 16 -2.43 -5.49 13.00
CA CYS E 16 -3.74 -6.08 12.94
C CYS E 16 -4.62 -5.24 12.03
N HIS E 17 -5.17 -5.87 10.99
CA HIS E 17 -6.08 -5.24 10.05
C HIS E 17 -7.51 -5.71 10.30
N PHE E 18 -8.44 -4.77 10.54
CA PHE E 18 -9.82 -5.16 10.80
C PHE E 18 -10.68 -4.70 9.64
N PHE E 19 -11.45 -5.62 9.07
CA PHE E 19 -12.41 -5.31 8.01
C PHE E 19 -13.80 -5.56 8.57
N ASN E 20 -14.68 -4.55 8.44
CA ASN E 20 -16.05 -4.61 8.91
C ASN E 20 -16.10 -5.05 10.38
N GLY E 21 -15.72 -4.16 11.30
CA GLY E 21 -15.69 -4.51 12.71
C GLY E 21 -14.57 -5.50 13.01
N THR E 22 -14.90 -6.54 13.76
CA THR E 22 -13.95 -7.63 13.96
C THR E 22 -14.40 -8.85 13.15
N GLU E 23 -15.28 -8.62 12.18
CA GLU E 23 -15.80 -9.73 11.39
C GLU E 23 -14.63 -10.47 10.74
N ARG E 24 -13.80 -9.75 9.99
CA ARG E 24 -12.65 -10.35 9.33
C ARG E 24 -11.41 -9.62 9.84
N VAL E 25 -10.45 -10.34 10.42
CA VAL E 25 -9.25 -9.75 11.00
C VAL E 25 -8.03 -10.45 10.41
N ARG E 26 -6.92 -9.74 10.17
CA ARG E 26 -5.75 -10.39 9.61
C ARG E 26 -4.49 -9.87 10.27
N LEU E 27 -3.55 -10.77 10.61
CA LEU E 27 -2.33 -10.35 11.28
C LEU E 27 -1.11 -10.42 10.35
N LEU E 28 -0.25 -9.39 10.40
CA LEU E 28 1.06 -9.40 9.76
C LEU E 28 2.14 -9.09 10.77
N GLU E 29 3.04 -10.05 11.03
CA GLU E 29 4.25 -9.81 11.79
C GLU E 29 5.36 -9.61 10.78
N ARG E 30 6.09 -8.49 10.88
CA ARG E 30 7.13 -8.20 9.91
C ARG E 30 8.45 -7.83 10.59
N CYS E 31 9.55 -8.38 10.06
CA CYS E 31 10.91 -8.14 10.53
C CYS E 31 11.68 -7.43 9.42
N ILE E 32 12.32 -6.30 9.76
CA ILE E 32 12.82 -5.38 8.74
C ILE E 32 14.25 -4.95 9.07
N TYR E 33 15.22 -5.33 8.21
CA TYR E 33 16.62 -4.94 8.43
C TYR E 33 17.04 -3.84 7.47
N ASN E 34 17.31 -2.66 8.05
CA ASN E 34 17.79 -1.51 7.30
C ASN E 34 16.73 -1.13 6.28
N GLN E 35 15.46 -1.15 6.71
CA GLN E 35 14.37 -0.69 5.87
C GLN E 35 14.02 -1.69 4.77
N GLU E 36 14.48 -2.94 4.87
CA GLU E 36 14.02 -3.97 3.95
C GLU E 36 13.44 -5.12 4.76
N GLU E 37 12.23 -5.51 4.40
CA GLU E 37 11.52 -6.57 5.12
C GLU E 37 12.23 -7.86 4.76
N SER E 38 12.53 -8.71 5.76
CA SER E 38 13.24 -9.94 5.48
C SER E 38 12.39 -11.20 5.72
N VAL E 39 11.68 -11.27 6.86
CA VAL E 39 10.79 -12.38 7.13
C VAL E 39 9.44 -11.83 7.55
N ARG E 40 8.39 -12.65 7.44
CA ARG E 40 7.05 -12.15 7.69
C ARG E 40 6.13 -13.31 8.06
N PHE E 41 5.23 -13.05 9.02
CA PHE E 41 4.21 -14.03 9.35
C PHE E 41 2.86 -13.46 8.95
N ASP E 42 2.16 -14.14 8.05
CA ASP E 42 0.87 -13.63 7.63
C ASP E 42 -0.19 -14.60 8.14
N SER E 43 -1.12 -14.08 8.95
CA SER E 43 -2.18 -14.91 9.49
C SER E 43 -2.82 -15.76 8.40
N ASP E 44 -2.84 -15.27 7.16
CA ASP E 44 -3.49 -15.93 6.04
C ASP E 44 -2.65 -17.07 5.50
N VAL E 45 -1.42 -17.18 5.99
CA VAL E 45 -0.58 -18.28 5.57
C VAL E 45 -0.37 -19.22 6.76
N GLY E 46 -0.02 -18.66 7.93
CA GLY E 46 0.06 -19.44 9.16
C GLY E 46 1.44 -20.06 9.34
N GLU E 47 2.41 -19.54 8.59
CA GLU E 47 3.81 -19.93 8.68
C GLU E 47 4.64 -18.69 8.42
N TYR E 48 5.90 -18.72 8.79
CA TYR E 48 6.73 -17.59 8.41
C TYR E 48 7.15 -17.84 6.96
N ARG E 49 7.24 -16.76 6.18
CA ARG E 49 7.93 -16.89 4.91
C ARG E 49 9.00 -15.82 4.85
N ALA E 50 10.12 -16.15 4.20
CA ALA E 50 11.20 -15.21 4.01
C ALA E 50 10.80 -14.27 2.88
N VAL E 51 11.31 -13.04 2.89
CA VAL E 51 10.87 -12.06 1.91
C VAL E 51 12.09 -11.68 1.07
N THR E 52 13.26 -11.71 1.72
CA THR E 52 14.57 -11.58 1.08
C THR E 52 15.42 -12.78 1.47
N GLU E 53 16.58 -12.93 0.84
CA GLU E 53 17.46 -14.06 1.11
C GLU E 53 17.94 -14.03 2.56
N LEU E 54 18.13 -12.81 3.10
CA LEU E 54 18.63 -12.61 4.44
C LEU E 54 17.74 -13.30 5.47
N GLY E 55 16.45 -13.46 5.13
CA GLY E 55 15.45 -13.94 6.07
C GLY E 55 15.28 -15.45 6.08
N ARG E 56 15.86 -16.16 5.09
CA ARG E 56 15.61 -17.58 4.90
C ARG E 56 15.91 -18.36 6.18
N PRO E 57 17.09 -18.16 6.83
CA PRO E 57 17.41 -18.88 8.06
C PRO E 57 16.35 -18.74 9.14
N ASP E 58 15.80 -17.54 9.32
CA ASP E 58 14.90 -17.32 10.44
C ASP E 58 13.55 -17.97 10.17
N ALA E 59 13.15 -18.00 8.89
CA ALA E 59 11.85 -18.54 8.54
C ALA E 59 11.85 -20.06 8.75
N GLU E 60 12.92 -20.70 8.28
CA GLU E 60 13.10 -22.13 8.47
C GLU E 60 13.11 -22.46 9.96
N TYR E 61 13.86 -21.68 10.74
CA TYR E 61 14.07 -21.95 12.15
C TYR E 61 12.77 -21.78 12.94
N TRP E 62 12.04 -20.70 12.68
CA TRP E 62 10.84 -20.40 13.44
C TRP E 62 9.73 -21.38 13.12
N ASN E 63 9.76 -21.90 11.89
CA ASN E 63 8.77 -22.84 11.42
C ASN E 63 9.00 -24.23 12.04
N SER E 64 10.15 -24.40 12.69
CA SER E 64 10.42 -25.58 13.51
C SER E 64 9.64 -25.50 14.82
N GLN E 65 9.47 -24.29 15.36
CA GLN E 65 8.98 -24.21 16.73
C GLN E 65 7.46 -24.32 16.73
N LYS E 66 6.96 -25.55 16.76
CA LYS E 66 5.53 -25.85 16.71
C LYS E 66 4.76 -25.00 17.73
N ASP E 67 5.44 -24.60 18.81
CA ASP E 67 4.83 -23.88 19.92
C ASP E 67 4.53 -22.47 19.47
N LEU E 68 5.57 -21.80 18.93
CA LEU E 68 5.47 -20.46 18.37
C LEU E 68 4.30 -20.38 17.38
N LEU E 69 4.29 -21.30 16.39
CA LEU E 69 3.29 -21.26 15.32
C LEU E 69 1.88 -21.39 15.88
N GLU E 70 1.66 -22.35 16.80
CA GLU E 70 0.33 -22.53 17.34
C GLU E 70 -0.17 -21.22 17.93
N GLN E 71 0.77 -20.48 18.55
CA GLN E 71 0.51 -19.29 19.35
C GLN E 71 0.08 -18.12 18.45
N ARG E 72 0.76 -17.94 17.32
CA ARG E 72 0.48 -16.85 16.39
C ARG E 72 -0.82 -17.09 15.63
N ARG E 73 -1.03 -18.35 15.22
CA ARG E 73 -2.25 -18.72 14.53
C ARG E 73 -3.43 -18.29 15.38
N ALA E 74 -3.25 -18.40 16.70
CA ALA E 74 -4.27 -18.11 17.68
C ALA E 74 -4.39 -16.60 17.93
N ALA E 75 -3.32 -15.87 17.58
CA ALA E 75 -3.10 -14.47 17.90
C ALA E 75 -4.22 -13.56 17.39
N VAL E 76 -4.90 -13.99 16.33
CA VAL E 76 -5.99 -13.19 15.78
C VAL E 76 -7.08 -13.01 16.84
N ASP E 77 -7.05 -13.88 17.88
CA ASP E 77 -7.99 -13.86 18.98
C ASP E 77 -7.38 -13.38 20.30
N THR E 78 -6.17 -13.88 20.62
CA THR E 78 -5.35 -13.50 21.76
C THR E 78 -4.98 -12.02 21.74
N TYR E 79 -4.73 -11.48 20.54
CA TYR E 79 -4.03 -10.21 20.43
C TYR E 79 -4.89 -9.18 19.70
N CYS E 80 -5.27 -9.48 18.46
CA CYS E 80 -5.93 -8.53 17.57
C CYS E 80 -7.33 -8.15 18.05
N ARG E 81 -8.22 -9.13 18.14
CA ARG E 81 -9.57 -8.86 18.59
C ARG E 81 -9.56 -8.31 20.02
N HIS E 82 -8.63 -8.77 20.85
CA HIS E 82 -8.55 -8.36 22.24
C HIS E 82 -8.30 -6.86 22.33
N ASN E 83 -7.24 -6.42 21.66
CA ASN E 83 -6.85 -5.04 21.69
C ASN E 83 -7.94 -4.19 21.07
N TYR E 84 -8.54 -4.68 20.00
CA TYR E 84 -9.59 -3.89 19.35
C TYR E 84 -10.63 -3.59 20.41
N GLY E 85 -10.99 -4.62 21.19
CA GLY E 85 -12.00 -4.52 22.21
C GLY E 85 -11.66 -3.41 23.20
N VAL E 86 -10.50 -3.55 23.84
CA VAL E 86 -10.01 -2.58 24.82
C VAL E 86 -10.24 -1.15 24.34
N GLY E 87 -9.65 -0.80 23.18
CA GLY E 87 -9.52 0.57 22.74
C GLY E 87 -10.71 1.11 21.96
N GLU E 88 -11.64 0.23 21.58
CA GLU E 88 -12.70 0.58 20.66
C GLU E 88 -13.34 1.92 21.05
N SER E 89 -13.58 2.09 22.35
CA SER E 89 -14.44 3.16 22.85
C SER E 89 -13.86 4.55 22.61
N PHE E 90 -12.52 4.64 22.53
CA PHE E 90 -11.84 5.93 22.45
C PHE E 90 -10.98 6.06 21.19
N THR E 91 -10.86 4.99 20.42
CA THR E 91 -10.14 5.05 19.16
C THR E 91 -11.12 4.90 18.00
N VAL E 92 -11.75 3.72 17.89
CA VAL E 92 -12.67 3.45 16.79
C VAL E 92 -13.81 4.47 16.80
N GLN E 93 -14.38 4.77 17.97
CA GLN E 93 -15.60 5.56 17.93
C GLN E 93 -15.33 7.00 18.38
N ARG E 94 -14.06 7.42 18.37
CA ARG E 94 -13.73 8.80 18.73
C ARG E 94 -14.38 9.74 17.72
N ARG E 95 -15.14 10.73 18.18
CA ARG E 95 -15.59 11.77 17.26
C ARG E 95 -15.30 13.15 17.83
N VAL E 96 -14.70 14.02 17.01
CA VAL E 96 -14.44 15.39 17.40
C VAL E 96 -14.87 16.27 16.24
N GLU E 97 -15.90 17.06 16.47
CA GLU E 97 -16.49 17.90 15.45
C GLU E 97 -15.47 18.91 14.93
N PRO E 98 -15.46 19.26 13.62
CA PRO E 98 -14.49 20.23 13.12
C PRO E 98 -14.94 21.68 13.36
N LYS E 99 -13.98 22.62 13.43
CA LYS E 99 -14.24 24.06 13.41
C LYS E 99 -14.12 24.58 11.96
N VAL E 100 -15.09 25.40 11.52
CA VAL E 100 -15.15 25.84 10.13
C VAL E 100 -15.09 27.36 10.05
N THR E 101 -14.13 27.89 9.26
CA THR E 101 -14.06 29.32 8.97
C THR E 101 -13.96 29.50 7.46
N VAL E 102 -14.61 30.52 6.93
CA VAL E 102 -14.39 30.97 5.57
C VAL E 102 -13.77 32.36 5.61
N TYR E 103 -12.90 32.69 4.64
CA TYR E 103 -12.24 33.99 4.61
C TYR E 103 -11.47 34.13 3.30
N PRO E 104 -11.34 35.33 2.71
CA PRO E 104 -10.62 35.49 1.43
C PRO E 104 -9.12 35.51 1.69
N SER E 105 -8.32 34.99 0.75
CA SER E 105 -6.93 34.67 1.01
C SER E 105 -6.02 35.91 0.94
N LYS E 106 -4.75 35.77 1.39
CA LYS E 106 -3.86 36.88 1.71
C LYS E 106 -2.87 37.16 0.56
N ASN E 114 -8.19 36.30 -6.74
CA ASN E 114 -8.40 36.07 -5.28
C ASN E 114 -9.38 34.92 -5.02
N LEU E 115 -9.04 34.13 -4.00
CA LEU E 115 -9.81 32.96 -3.70
C LEU E 115 -10.35 33.01 -2.26
N LEU E 116 -11.46 32.31 -2.06
CA LEU E 116 -12.09 32.17 -0.76
C LEU E 116 -11.64 30.87 -0.15
N VAL E 117 -11.05 30.94 1.05
CA VAL E 117 -10.54 29.76 1.74
C VAL E 117 -11.64 29.25 2.67
N CYS E 118 -11.85 27.92 2.66
CA CYS E 118 -12.73 27.32 3.66
C CYS E 118 -11.90 26.39 4.52
N SER E 119 -11.62 26.80 5.77
CA SER E 119 -10.74 26.07 6.65
C SER E 119 -11.56 25.18 7.59
N VAL E 120 -11.14 23.91 7.74
CA VAL E 120 -11.80 22.94 8.59
C VAL E 120 -10.76 22.32 9.52
N SER E 121 -10.90 22.53 10.85
CA SER E 121 -9.83 22.26 11.82
C SER E 121 -10.28 21.27 12.90
N GLY E 122 -9.30 20.52 13.42
CA GLY E 122 -9.40 19.84 14.72
C GLY E 122 -10.45 18.74 14.79
N PHE E 123 -10.77 18.10 13.65
CA PHE E 123 -11.76 17.04 13.62
C PHE E 123 -11.10 15.66 13.71
N TYR E 124 -11.93 14.65 14.00
CA TYR E 124 -11.58 13.24 13.99
C TYR E 124 -12.87 12.44 13.85
N PRO E 125 -12.91 11.31 13.11
CA PRO E 125 -11.79 10.79 12.33
C PRO E 125 -11.57 11.56 11.02
N GLY E 126 -10.63 11.05 10.23
CA GLY E 126 -10.00 11.79 9.15
C GLY E 126 -10.93 12.09 7.98
N SER E 127 -11.98 11.29 7.78
CA SER E 127 -12.72 11.39 6.51
C SER E 127 -13.83 12.43 6.61
N ILE E 128 -13.90 13.33 5.62
CA ILE E 128 -14.73 14.52 5.63
C ILE E 128 -15.12 14.86 4.19
N GLU E 129 -16.23 15.57 3.96
CA GLU E 129 -16.55 16.02 2.60
C GLU E 129 -16.86 17.51 2.66
N VAL E 130 -16.17 18.34 1.85
CA VAL E 130 -16.29 19.79 1.91
C VAL E 130 -16.70 20.32 0.55
N ARG E 131 -17.71 21.18 0.46
CA ARG E 131 -18.21 21.57 -0.86
C ARG E 131 -18.48 23.07 -0.90
N TRP E 132 -18.48 23.62 -2.11
CA TRP E 132 -18.64 25.05 -2.32
C TRP E 132 -19.89 25.30 -3.14
N PHE E 133 -20.74 26.21 -2.65
CA PHE E 133 -21.94 26.56 -3.40
C PHE E 133 -21.97 28.05 -3.68
N ARG E 134 -22.40 28.41 -4.89
CA ARG E 134 -22.78 29.76 -5.22
C ARG E 134 -24.31 29.83 -5.24
N ASN E 135 -24.90 30.30 -4.13
CA ASN E 135 -26.29 30.68 -4.11
C ASN E 135 -27.18 29.45 -3.91
N GLY E 136 -26.59 28.27 -4.05
CA GLY E 136 -27.32 27.02 -3.97
C GLY E 136 -26.85 26.04 -5.04
N GLN E 137 -25.99 26.51 -5.93
CA GLN E 137 -25.48 25.71 -7.02
C GLN E 137 -24.03 25.34 -6.73
N GLU E 138 -23.76 24.04 -6.62
CA GLU E 138 -22.42 23.56 -6.29
C GLU E 138 -21.43 24.00 -7.38
N GLU E 139 -20.24 24.46 -6.95
CA GLU E 139 -19.15 24.76 -7.89
C GLU E 139 -18.05 23.71 -7.75
N LYS E 140 -17.68 23.07 -8.87
CA LYS E 140 -16.74 21.96 -8.78
C LYS E 140 -15.37 22.34 -9.34
N ALA E 141 -15.30 22.84 -10.59
CA ALA E 141 -14.05 23.38 -11.10
C ALA E 141 -13.64 24.58 -10.26
N GLY E 142 -12.34 24.88 -10.27
CA GLY E 142 -11.83 26.02 -9.53
C GLY E 142 -11.73 25.79 -8.03
N VAL E 143 -12.05 24.59 -7.56
CA VAL E 143 -11.71 24.18 -6.21
C VAL E 143 -10.33 23.52 -6.20
N VAL E 144 -9.48 23.95 -5.27
CA VAL E 144 -8.19 23.35 -5.01
C VAL E 144 -8.15 23.07 -3.52
N SER E 145 -7.38 22.07 -3.09
CA SER E 145 -7.32 21.85 -1.65
C SER E 145 -5.91 21.48 -1.20
N THR E 146 -5.67 21.59 0.11
CA THR E 146 -4.42 21.12 0.72
C THR E 146 -4.48 19.60 0.80
N GLY E 147 -5.68 19.02 0.67
CA GLY E 147 -5.87 17.65 1.07
C GLY E 147 -5.89 17.53 2.60
N LEU E 148 -6.15 16.30 3.09
CA LEU E 148 -6.35 16.04 4.49
C LEU E 148 -5.01 16.07 5.22
N ILE E 149 -4.92 16.83 6.32
CA ILE E 149 -3.66 16.94 7.05
C ILE E 149 -3.83 16.36 8.46
N GLN E 150 -2.84 15.55 8.86
CA GLN E 150 -2.86 14.87 10.15
C GLN E 150 -1.90 15.57 11.10
N ASN E 151 -2.38 15.99 12.28
CA ASN E 151 -1.55 16.79 13.17
C ASN E 151 -0.77 15.92 14.14
N GLY E 152 -1.27 14.69 14.38
CA GLY E 152 -0.50 13.71 15.13
C GLY E 152 -0.83 13.73 16.63
N ASP E 153 -1.93 14.42 16.92
CA ASP E 153 -2.49 14.56 18.25
C ASP E 153 -3.99 14.26 18.19
N TRP E 154 -4.36 13.31 17.31
CA TRP E 154 -5.71 12.78 17.21
C TRP E 154 -6.69 13.84 16.72
N THR E 155 -6.20 14.80 15.93
CA THR E 155 -7.03 15.65 15.09
C THR E 155 -6.47 15.71 13.66
N PHE E 156 -7.31 16.28 12.77
CA PHE E 156 -7.01 16.49 11.37
C PHE E 156 -7.38 17.93 11.00
N GLN E 157 -6.84 18.44 9.89
CA GLN E 157 -7.29 19.71 9.36
C GLN E 157 -7.20 19.70 7.85
N THR E 158 -7.82 20.70 7.21
CA THR E 158 -7.78 20.79 5.75
C THR E 158 -8.20 22.20 5.34
N LEU E 159 -7.65 22.70 4.23
CA LEU E 159 -8.12 23.93 3.59
C LEU E 159 -8.70 23.58 2.22
N VAL E 160 -9.88 24.09 1.91
CA VAL E 160 -10.43 23.89 0.58
C VAL E 160 -10.75 25.25 -0.01
N MET E 161 -9.99 25.66 -1.04
CA MET E 161 -10.08 27.02 -1.54
C MET E 161 -10.89 27.06 -2.84
N LEU E 162 -11.45 28.23 -3.17
CA LEU E 162 -12.27 28.33 -4.37
C LEU E 162 -11.86 29.56 -5.15
N GLU E 163 -11.36 29.37 -6.39
CA GLU E 163 -11.04 30.47 -7.28
C GLU E 163 -12.35 31.05 -7.79
N THR E 164 -12.71 32.25 -7.32
CA THR E 164 -13.83 32.97 -7.87
C THR E 164 -13.56 34.47 -7.79
N VAL E 165 -13.94 35.16 -8.87
CA VAL E 165 -14.02 36.61 -8.81
C VAL E 165 -15.45 36.97 -8.44
N PRO E 166 -15.71 37.30 -7.15
CA PRO E 166 -17.07 37.45 -6.61
C PRO E 166 -17.77 38.74 -7.01
N ARG E 167 -19.01 38.62 -7.51
CA ARG E 167 -19.91 39.76 -7.62
C ARG E 167 -20.53 40.01 -6.25
N SER E 168 -20.71 41.28 -5.88
CA SER E 168 -21.35 41.58 -4.61
C SER E 168 -22.85 41.37 -4.73
N GLY E 169 -23.45 40.74 -3.70
CA GLY E 169 -24.85 40.34 -3.75
C GLY E 169 -25.00 38.86 -4.04
N GLU E 170 -23.87 38.15 -4.03
CA GLU E 170 -23.89 36.71 -4.18
C GLU E 170 -23.55 36.04 -2.86
N VAL E 171 -24.05 34.82 -2.66
CA VAL E 171 -23.79 34.09 -1.42
C VAL E 171 -22.98 32.83 -1.72
N TYR E 172 -21.75 32.78 -1.19
CA TYR E 172 -20.93 31.58 -1.29
C TYR E 172 -21.06 30.81 0.01
N THR E 173 -21.30 29.50 -0.07
CA THR E 173 -21.37 28.72 1.15
C THR E 173 -20.46 27.51 1.04
N CYS E 174 -19.67 27.34 2.10
CA CYS E 174 -18.86 26.16 2.31
C CYS E 174 -19.66 25.22 3.21
N GLN E 175 -19.87 23.99 2.74
CA GLN E 175 -20.69 23.00 3.42
C GLN E 175 -19.88 21.74 3.74
N VAL E 176 -19.80 21.36 5.04
CA VAL E 176 -18.98 20.25 5.50
C VAL E 176 -19.87 19.14 6.02
N GLU E 177 -19.59 17.89 5.64
CA GLU E 177 -20.24 16.73 6.26
C GLU E 177 -19.19 15.86 6.91
N HIS E 178 -19.49 15.34 8.09
CA HIS E 178 -18.50 14.64 8.88
C HIS E 178 -19.20 13.70 9.85
N PRO E 179 -18.62 12.53 10.17
CA PRO E 179 -19.31 11.49 10.94
C PRO E 179 -19.73 11.96 12.34
N SER E 180 -19.27 13.14 12.74
CA SER E 180 -19.46 13.62 14.10
C SER E 180 -20.69 14.54 14.19
N VAL E 181 -21.11 15.11 13.06
CA VAL E 181 -22.34 15.88 13.04
C VAL E 181 -23.36 15.12 12.20
N THR E 182 -24.60 15.03 12.69
CA THR E 182 -25.60 14.25 11.99
C THR E 182 -26.32 15.13 10.96
N SER E 183 -25.81 16.34 10.76
CA SER E 183 -26.41 17.23 9.78
C SER E 183 -25.29 18.16 9.30
N PRO E 184 -25.24 18.57 8.00
CA PRO E 184 -24.08 19.31 7.47
C PRO E 184 -23.82 20.65 8.15
N LEU E 185 -22.55 21.00 8.31
CA LEU E 185 -22.16 22.30 8.86
C LEU E 185 -22.05 23.29 7.71
N THR E 186 -22.48 24.53 7.93
CA THR E 186 -22.43 25.52 6.86
C THR E 186 -21.78 26.81 7.37
N VAL E 187 -21.00 27.48 6.51
CA VAL E 187 -20.55 28.84 6.77
C VAL E 187 -20.68 29.66 5.48
N GLU E 188 -21.51 30.72 5.54
CA GLU E 188 -21.76 31.57 4.38
C GLU E 188 -20.74 32.71 4.31
N TRP E 189 -20.50 33.16 3.09
CA TRP E 189 -19.69 34.33 2.88
C TRP E 189 -20.35 35.23 1.84
N ARG E 190 -21.06 36.24 2.36
CA ARG E 190 -21.79 37.23 1.60
C ARG E 190 -20.78 38.16 0.91
N ALA E 191 -20.99 38.40 -0.39
CA ALA E 191 -19.98 38.98 -1.25
C ALA E 191 -19.85 40.49 -1.00
N GLY F 6 -9.88 -1.89 30.07
CA GLY F 6 -9.18 -3.05 29.44
C GLY F 6 -7.67 -2.88 29.49
N MET F 7 -6.93 -3.99 29.47
CA MET F 7 -5.49 -3.97 29.39
C MET F 7 -5.08 -4.38 27.98
N PHE F 8 -4.30 -3.56 27.27
CA PHE F 8 -3.78 -3.96 25.96
C PHE F 8 -2.74 -5.06 26.15
N ASN F 9 -2.79 -6.10 25.32
CA ASN F 9 -1.79 -7.15 25.32
C ASN F 9 -0.85 -6.92 24.16
N MET F 10 0.32 -7.54 24.18
CA MET F 10 1.29 -7.35 23.12
C MET F 10 1.81 -8.70 22.62
N LEU F 11 2.59 -8.72 21.54
CA LEU F 11 3.22 -9.96 21.10
C LEU F 11 4.70 -9.95 21.45
N SER F 12 5.26 -11.13 21.73
CA SER F 12 6.67 -11.20 22.11
C SER F 12 7.53 -11.57 20.91
N THR F 13 8.65 -10.87 20.74
CA THR F 13 9.56 -11.24 19.67
C THR F 13 10.29 -12.53 20.04
N VAL F 14 10.81 -13.26 19.04
CA VAL F 14 11.62 -14.45 19.28
C VAL F 14 13.03 -14.20 18.74
N LEU F 15 14.01 -14.89 19.31
CA LEU F 15 15.39 -14.82 18.87
C LEU F 15 15.54 -15.52 17.52
N GLY F 16 16.33 -14.97 16.60
CA GLY F 16 16.61 -15.54 15.30
C GLY F 16 17.57 -16.73 15.37
N VAL F 17 18.26 -17.03 14.25
CA VAL F 17 19.27 -18.09 14.16
C VAL F 17 20.64 -17.50 14.44
N SER F 18 21.39 -18.11 15.36
CA SER F 18 22.73 -17.62 15.60
C SER F 18 23.77 -18.56 15.02
N ILE F 19 24.88 -17.95 14.56
CA ILE F 19 25.84 -18.55 13.64
C ILE F 19 27.10 -17.67 13.60
#